data_8S7D
#
_entry.id   8S7D
#
_cell.length_a   1.00
_cell.length_b   1.00
_cell.length_c   1.00
_cell.angle_alpha   90.00
_cell.angle_beta   90.00
_cell.angle_gamma   90.00
#
_symmetry.space_group_name_H-M   'P 1'
#
loop_
_entity.id
_entity.type
_entity.pdbx_description
1 polymer 'Transcription regulator protein BACH1'
2 polymer 'S-phase kinase-associated protein 1'
3 polymer 'F-box only protein 22'
#
loop_
_entity_poly.entity_id
_entity_poly.type
_entity_poly.pdbx_seq_one_letter_code
_entity_poly.pdbx_strand_id
1 'polypeptide(L)'
;QSMSVFAYESSVHSTNVLLSLNDQRKKDVLCDVTIFVEGQRFRAHRSVLAACSSYFHSRIVGQADGELNITLPEEVTVKG
FEPLIQFAYTAKLILSKENVDEVCKCVEFLSVHNIEESCFQFLKF
;
A,B
2 'polypeptide(L)'
;MPSIKLQSSDGEIFEVDVEIAKQSVTIKTMLEDLGMDDEGDDDPVPLPNVNAAILKKVIQWCTHHKDDPPPPEDDENKEK
RTDDIPVWDQEFLKVDQGTLFELILAANYLDIKGLLDVTCKTVANMIKGKTPEEIRKTFNIKNDFTEEEEAQVRKENQWC
EEK
;
C
3 'polypeptide(L)'
;GGSGSSVDPRSTFVLSNLAEVVERVLTFLPAKALLRVACVCRLWRECVRRVLRTHRSVTWISAGLAEAGHLEGHCLVRVV
AEELENVRILPHTVLYMADSETFISLEECRGHKRARKRTSMETALALEKLFPKQCQVLGIVTPGIVVTPMGSGSNRPQEI
EIGESGFALLFPQIEGIKIQPFHFIKDPKNLTLERHQLTEVGLLDNPELRVVLVFGYNCCKVGASNYLQQVVSTFSDMNI
ILAGGQVDNLSSLTSEKNPLDIDASGVVGLSFSGHRIQSATVLLNEDVSDEKTAEAAMQRLKAANIPEHNTIGFMFACVG
RGFQYYRAKGNVEADAFRKFFPSVPLFGFFGNGEIGCDRIVTGNFILRKCNEVKDDDLFHSYTTIMALIHLGSSK
;
D
#
# COMPACT_ATOMS: atom_id res chain seq x y z
N VAL A 5 8.72 6.59 29.41
CA VAL A 5 7.88 5.43 29.12
C VAL A 5 8.29 4.80 27.79
N PHE A 6 9.45 4.14 27.79
CA PHE A 6 9.96 3.48 26.59
C PHE A 6 9.20 2.17 26.39
N ALA A 7 8.32 2.14 25.40
CA ALA A 7 7.52 0.95 25.08
C ALA A 7 8.24 0.18 23.98
N TYR A 8 9.05 -0.80 24.38
CA TYR A 8 9.75 -1.62 23.41
C TYR A 8 8.78 -2.51 22.66
N GLU A 9 9.03 -2.67 21.36
CA GLU A 9 8.20 -3.51 20.49
C GLU A 9 9.07 -4.59 19.88
N SER A 10 8.98 -5.81 20.41
CA SER A 10 9.73 -6.92 19.86
C SER A 10 9.11 -7.37 18.54
N SER A 11 9.93 -7.42 17.49
CA SER A 11 9.46 -7.75 16.15
C SER A 11 9.60 -9.23 15.82
N VAL A 12 10.07 -10.05 16.75
CA VAL A 12 10.28 -11.47 16.48
C VAL A 12 9.67 -12.31 17.60
N HIS A 13 9.19 -11.66 18.67
CA HIS A 13 8.70 -12.39 19.83
C HIS A 13 7.53 -13.29 19.47
N SER A 14 6.61 -12.79 18.65
CA SER A 14 5.47 -13.61 18.23
C SER A 14 5.94 -14.82 17.43
N THR A 15 6.76 -14.59 16.41
CA THR A 15 7.26 -15.69 15.59
C THR A 15 8.14 -16.63 16.39
N ASN A 16 8.99 -16.08 17.26
CA ASN A 16 9.87 -16.93 18.06
C ASN A 16 9.07 -17.79 19.03
N VAL A 17 8.04 -17.23 19.66
CA VAL A 17 7.20 -18.00 20.57
C VAL A 17 6.44 -19.08 19.80
N LEU A 18 5.93 -18.74 18.63
CA LEU A 18 5.22 -19.74 17.82
C LEU A 18 6.15 -20.87 17.41
N LEU A 19 7.39 -20.55 17.03
CA LEU A 19 8.35 -21.59 16.67
C LEU A 19 8.76 -22.42 17.87
N SER A 20 8.88 -21.80 19.05
CA SER A 20 9.16 -22.56 20.26
C SER A 20 8.02 -23.53 20.58
N LEU A 21 6.77 -23.08 20.40
CA LEU A 21 5.63 -23.96 20.61
C LEU A 21 5.60 -25.08 19.57
N ASN A 22 5.99 -24.78 18.33
CA ASN A 22 6.08 -25.82 17.31
C ASN A 22 7.12 -26.85 17.68
N ASP A 23 8.28 -26.41 18.18
CA ASP A 23 9.29 -27.34 18.66
C ASP A 23 8.78 -28.15 19.85
N GLN A 24 8.02 -27.50 20.73
CA GLN A 24 7.46 -28.18 21.90
C GLN A 24 6.51 -29.30 21.48
N ARG A 25 5.64 -29.03 20.50
CA ARG A 25 4.72 -30.06 20.04
C ARG A 25 5.42 -31.11 19.20
N LYS A 26 6.51 -30.74 18.52
CA LYS A 26 7.28 -31.72 17.76
C LYS A 26 8.00 -32.70 18.68
N LYS A 27 8.45 -32.24 19.84
CA LYS A 27 9.06 -33.09 20.85
C LYS A 27 8.02 -33.74 21.76
N ASP A 28 6.74 -33.44 21.57
CA ASP A 28 5.65 -34.01 22.36
C ASP A 28 5.83 -33.74 23.85
N VAL A 29 6.18 -32.50 24.19
CA VAL A 29 6.34 -32.07 25.57
C VAL A 29 5.36 -30.93 25.84
N LEU A 30 4.70 -31.00 27.00
CA LEU A 30 3.75 -30.02 27.51
C LEU A 30 2.44 -29.98 26.73
N CYS A 31 2.28 -30.80 25.69
CA CYS A 31 1.02 -30.85 24.97
C CYS A 31 -0.06 -31.49 25.82
N ASP A 32 -1.31 -31.09 25.59
CA ASP A 32 -2.42 -31.62 26.37
C ASP A 32 -3.63 -31.94 25.49
N VAL A 33 -3.46 -31.99 24.17
CA VAL A 33 -4.54 -32.30 23.25
C VAL A 33 -4.06 -33.36 22.27
N THR A 34 -4.84 -34.43 22.13
CA THR A 34 -4.59 -35.47 21.14
C THR A 34 -5.73 -35.43 20.12
N ILE A 35 -5.38 -35.30 18.85
CA ILE A 35 -6.33 -35.21 17.76
C ILE A 35 -6.24 -36.48 16.92
N PHE A 36 -7.38 -37.10 16.68
CA PHE A 36 -7.46 -38.35 15.92
C PHE A 36 -8.01 -38.03 14.53
N VAL A 37 -7.14 -38.08 13.53
CA VAL A 37 -7.50 -37.79 12.14
C VAL A 37 -7.25 -39.06 11.34
N GLU A 38 -8.32 -39.71 10.90
CA GLU A 38 -8.24 -40.96 10.13
C GLU A 38 -7.43 -42.02 10.88
N GLY A 39 -7.58 -42.05 12.20
CA GLY A 39 -6.84 -42.98 13.02
C GLY A 39 -5.43 -42.55 13.36
N GLN A 40 -4.98 -41.39 12.89
CA GLN A 40 -3.64 -40.90 13.16
C GLN A 40 -3.67 -39.93 14.33
N ARG A 41 -2.63 -39.99 15.16
CA ARG A 41 -2.55 -39.20 16.38
C ARG A 41 -1.72 -37.95 16.12
N PHE A 42 -2.24 -36.79 16.55
CA PHE A 42 -1.51 -35.53 16.50
C PHE A 42 -1.51 -34.90 17.87
N ARG A 43 -0.33 -34.50 18.35
CA ARG A 43 -0.18 -33.87 19.65
C ARG A 43 -0.14 -32.37 19.49
N ALA A 44 -0.91 -31.65 20.32
CA ALA A 44 -0.97 -30.20 20.25
C ALA A 44 -1.45 -29.67 21.60
N HIS A 45 -1.66 -28.37 21.67
CA HIS A 45 -2.09 -27.70 22.88
C HIS A 45 -3.57 -27.31 22.75
N ARG A 46 -4.24 -27.21 23.91
CA ARG A 46 -5.60 -26.69 23.93
C ARG A 46 -5.62 -25.24 23.46
N SER A 47 -4.75 -24.40 24.03
CA SER A 47 -4.80 -22.98 23.77
C SER A 47 -4.39 -22.66 22.33
N VAL A 48 -3.34 -23.31 21.82
CA VAL A 48 -2.88 -23.00 20.47
C VAL A 48 -3.91 -23.43 19.43
N LEU A 49 -4.49 -24.61 19.60
CA LEU A 49 -5.49 -25.08 18.65
C LEU A 49 -6.77 -24.25 18.75
N ALA A 50 -7.16 -23.85 19.96
CA ALA A 50 -8.33 -23.01 20.11
C ALA A 50 -8.12 -21.62 19.50
N ALA A 51 -6.90 -21.09 19.62
CA ALA A 51 -6.60 -19.73 19.18
C ALA A 51 -6.37 -19.61 17.69
N CYS A 52 -6.35 -20.73 16.95
CA CYS A 52 -6.13 -20.70 15.52
C CYS A 52 -7.29 -21.31 14.74
N SER A 53 -8.39 -21.63 15.40
CA SER A 53 -9.53 -22.22 14.70
C SER A 53 -10.81 -21.87 15.46
N SER A 54 -11.93 -21.94 14.73
CA SER A 54 -13.23 -21.68 15.32
C SER A 54 -13.91 -22.96 15.81
N TYR A 55 -13.82 -24.03 15.02
CA TYR A 55 -14.35 -25.32 15.46
C TYR A 55 -13.62 -25.81 16.71
N PHE A 56 -12.29 -25.73 16.69
CA PHE A 56 -11.50 -26.16 17.85
C PHE A 56 -11.81 -25.30 19.07
N HIS A 57 -12.05 -24.01 18.87
CA HIS A 57 -12.45 -23.16 19.99
C HIS A 57 -13.77 -23.64 20.59
N SER A 58 -14.71 -24.07 19.74
CA SER A 58 -16.00 -24.52 20.24
C SER A 58 -15.88 -25.84 21.00
N ARG A 59 -15.19 -26.83 20.40
CA ARG A 59 -15.14 -28.15 21.02
C ARG A 59 -14.24 -28.18 22.25
N ILE A 60 -13.06 -27.55 22.16
CA ILE A 60 -12.09 -27.64 23.25
C ILE A 60 -12.61 -26.93 24.50
N VAL A 61 -13.19 -25.74 24.32
CA VAL A 61 -13.69 -24.98 25.46
C VAL A 61 -14.87 -25.71 26.07
N GLY A 62 -14.82 -25.92 27.39
CA GLY A 62 -15.85 -26.63 28.10
C GLY A 62 -15.53 -28.08 28.42
N GLN A 63 -14.33 -28.54 28.12
CA GLN A 63 -13.94 -29.92 28.39
C GLN A 63 -12.98 -29.98 29.57
N ILE A 70 -10.25 -35.49 21.29
CA ILE A 70 -11.00 -34.83 20.23
C ILE A 70 -10.83 -35.60 18.92
N THR A 71 -11.94 -36.06 18.37
CA THR A 71 -11.95 -36.83 17.12
C THR A 71 -12.65 -36.00 16.05
N LEU A 72 -11.96 -35.75 14.95
CA LEU A 72 -12.56 -35.04 13.84
C LEU A 72 -13.43 -35.97 13.01
N PRO A 73 -14.50 -35.46 12.40
CA PRO A 73 -15.39 -36.34 11.62
C PRO A 73 -14.71 -36.92 10.38
N GLU A 74 -15.44 -37.78 9.66
CA GLU A 74 -14.88 -38.43 8.48
C GLU A 74 -14.58 -37.45 7.36
N GLU A 75 -15.15 -36.24 7.41
CA GLU A 75 -14.92 -35.26 6.37
C GLU A 75 -13.48 -34.75 6.36
N VAL A 76 -12.73 -34.96 7.45
CA VAL A 76 -11.36 -34.48 7.57
C VAL A 76 -10.41 -35.62 7.21
N THR A 77 -9.45 -35.32 6.33
CA THR A 77 -8.41 -36.27 5.97
C THR A 77 -7.10 -35.86 6.63
N VAL A 78 -6.25 -36.86 6.91
CA VAL A 78 -4.94 -36.58 7.47
C VAL A 78 -4.11 -35.77 6.49
N LYS A 79 -4.18 -36.10 5.20
CA LYS A 79 -3.47 -35.33 4.18
C LYS A 79 -3.91 -33.89 4.15
N GLY A 80 -5.13 -33.61 4.58
CA GLY A 80 -5.61 -32.24 4.67
C GLY A 80 -5.43 -31.58 6.01
N PHE A 81 -5.09 -32.34 7.05
CA PHE A 81 -4.92 -31.76 8.38
C PHE A 81 -3.45 -31.59 8.77
N GLU A 82 -2.53 -32.33 8.17
CA GLU A 82 -1.11 -32.07 8.43
C GLU A 82 -0.71 -30.66 8.02
N PRO A 83 -0.99 -30.17 6.81
CA PRO A 83 -0.64 -28.77 6.50
C PRO A 83 -1.33 -27.77 7.41
N LEU A 84 -2.57 -28.04 7.83
CA LEU A 84 -3.28 -27.08 8.65
C LEU A 84 -2.66 -26.95 10.03
N ILE A 85 -2.29 -28.07 10.65
CA ILE A 85 -1.63 -28.00 11.96
C ILE A 85 -0.23 -27.42 11.80
N GLN A 86 0.45 -27.70 10.68
CA GLN A 86 1.75 -27.10 10.42
C GLN A 86 1.63 -25.58 10.34
N PHE A 87 0.58 -25.08 9.69
CA PHE A 87 0.35 -23.64 9.67
C PHE A 87 0.00 -23.10 11.05
N ALA A 88 -0.88 -23.80 11.77
CA ALA A 88 -1.31 -23.32 13.08
C ALA A 88 -0.17 -23.27 14.09
N TYR A 89 0.90 -24.04 13.86
CA TYR A 89 2.03 -24.03 14.77
C TYR A 89 3.27 -23.34 14.23
N THR A 90 3.35 -23.07 12.93
CA THR A 90 4.52 -22.45 12.33
C THR A 90 4.22 -21.18 11.53
N ALA A 91 2.94 -20.83 11.34
CA ALA A 91 2.49 -19.64 10.63
C ALA A 91 2.71 -19.71 9.12
N LYS A 92 3.09 -20.87 8.58
CA LYS A 92 3.17 -21.05 7.14
C LYS A 92 2.47 -22.35 6.74
N LEU A 93 1.71 -22.28 5.65
CA LEU A 93 0.92 -23.40 5.18
C LEU A 93 1.44 -23.83 3.81
N ILE A 94 1.61 -25.13 3.62
CA ILE A 94 2.21 -25.69 2.41
C ILE A 94 1.14 -26.38 1.60
N LEU A 95 1.03 -26.02 0.32
CA LEU A 95 0.04 -26.58 -0.58
C LEU A 95 0.72 -27.35 -1.70
N SER A 96 0.25 -28.57 -1.94
CA SER A 96 0.66 -29.36 -3.08
C SER A 96 -0.52 -29.53 -4.03
N LYS A 97 -0.22 -29.88 -5.27
CA LYS A 97 -1.28 -29.99 -6.28
C LYS A 97 -2.18 -31.19 -6.05
N GLU A 98 -1.94 -31.99 -5.01
CA GLU A 98 -2.79 -33.12 -4.65
C GLU A 98 -3.65 -32.83 -3.43
N ASN A 99 -3.11 -32.19 -2.40
CA ASN A 99 -3.85 -31.89 -1.19
C ASN A 99 -4.43 -30.48 -1.16
N VAL A 100 -4.31 -29.72 -2.25
CA VAL A 100 -4.82 -28.35 -2.26
C VAL A 100 -6.34 -28.34 -2.09
N ASP A 101 -7.04 -29.23 -2.78
CA ASP A 101 -8.49 -29.31 -2.63
C ASP A 101 -8.87 -29.76 -1.22
N GLU A 102 -8.17 -30.76 -0.69
CA GLU A 102 -8.46 -31.24 0.66
C GLU A 102 -8.15 -30.16 1.70
N VAL A 103 -7.04 -29.43 1.52
CA VAL A 103 -6.71 -28.36 2.45
C VAL A 103 -7.74 -27.25 2.37
N CYS A 104 -8.21 -26.93 1.17
CA CYS A 104 -9.26 -25.92 1.03
C CYS A 104 -10.54 -26.35 1.73
N LYS A 105 -10.93 -27.62 1.56
CA LYS A 105 -12.12 -28.14 2.22
C LYS A 105 -11.97 -28.10 3.74
N CYS A 106 -10.79 -28.48 4.24
CA CYS A 106 -10.58 -28.50 5.68
C CYS A 106 -10.51 -27.09 6.26
N VAL A 107 -9.97 -26.13 5.51
CA VAL A 107 -9.95 -24.74 5.98
C VAL A 107 -11.31 -24.08 5.85
N GLU A 108 -12.18 -24.58 4.96
CA GLU A 108 -13.55 -24.10 4.93
C GLU A 108 -14.36 -24.67 6.09
N PHE A 109 -14.11 -25.94 6.44
CA PHE A 109 -14.80 -26.55 7.56
C PHE A 109 -14.35 -25.91 8.86
N LEU A 110 -13.06 -26.02 9.19
CA LEU A 110 -12.55 -25.49 10.45
C LEU A 110 -12.58 -23.96 10.50
N SER A 111 -12.66 -23.30 9.35
CA SER A 111 -12.62 -21.85 9.26
C SER A 111 -11.37 -21.32 9.96
N VAL A 112 -10.22 -21.87 9.58
CA VAL A 112 -8.95 -21.50 10.21
C VAL A 112 -8.66 -20.03 9.94
N HIS A 113 -8.29 -19.31 11.00
CA HIS A 113 -8.03 -17.89 10.89
C HIS A 113 -6.71 -17.64 10.17
N ASN A 114 -6.53 -16.41 9.72
CA ASN A 114 -5.31 -15.90 9.10
C ASN A 114 -4.95 -16.60 7.80
N ILE A 115 -5.87 -17.36 7.22
CA ILE A 115 -5.68 -17.98 5.92
C ILE A 115 -6.66 -17.36 4.94
N GLU A 116 -6.13 -16.79 3.86
CA GLU A 116 -6.96 -16.20 2.81
C GLU A 116 -7.18 -17.21 1.70
N GLU A 117 -8.44 -17.33 1.26
CA GLU A 117 -8.79 -18.30 0.22
C GLU A 117 -8.16 -17.97 -1.12
N SER A 118 -7.63 -16.75 -1.28
CA SER A 118 -6.93 -16.40 -2.51
C SER A 118 -5.77 -17.33 -2.79
N CYS A 119 -5.23 -17.99 -1.76
CA CYS A 119 -4.14 -18.93 -1.91
C CYS A 119 -4.55 -20.21 -2.63
N PHE A 120 -5.84 -20.43 -2.87
CA PHE A 120 -6.30 -21.69 -3.44
C PHE A 120 -6.67 -21.59 -4.92
N GLN A 121 -7.45 -20.59 -5.31
CA GLN A 121 -7.93 -20.50 -6.69
C GLN A 121 -6.85 -19.85 -7.56
N PHE A 122 -6.12 -18.89 -6.99
CA PHE A 122 -5.13 -18.13 -7.75
C PHE A 122 -4.06 -19.03 -8.37
N LEU A 123 -3.80 -20.19 -7.78
CA LEU A 123 -2.79 -21.10 -8.31
C LEU A 123 -3.21 -21.70 -9.64
N SER B 4 5.06 -28.66 -8.64
CA SER B 4 4.95 -27.30 -8.13
C SER B 4 4.27 -27.28 -6.76
N VAL B 5 5.00 -26.85 -5.75
CA VAL B 5 4.49 -26.79 -4.38
C VAL B 5 4.57 -25.34 -3.91
N PHE B 6 3.45 -24.78 -3.49
CA PHE B 6 3.39 -23.43 -2.98
C PHE B 6 3.43 -23.43 -1.45
N ALA B 7 3.58 -22.25 -0.87
CA ALA B 7 3.71 -22.12 0.59
C ALA B 7 3.10 -20.79 1.00
N TYR B 8 1.87 -20.83 1.52
CA TYR B 8 1.23 -19.65 2.05
C TYR B 8 1.93 -19.24 3.33
N GLU B 9 2.59 -18.08 3.31
CA GLU B 9 3.28 -17.54 4.47
C GLU B 9 2.47 -16.38 5.02
N SER B 10 2.14 -16.44 6.31
CA SER B 10 1.34 -15.41 6.97
C SER B 10 2.21 -14.62 7.93
N SER B 11 2.16 -13.30 7.81
CA SER B 11 2.92 -12.41 8.68
C SER B 11 2.13 -11.94 9.89
N VAL B 12 0.84 -12.28 9.98
CA VAL B 12 -0.01 -11.85 11.08
C VAL B 12 -0.52 -13.01 11.91
N HIS B 13 -0.23 -14.26 11.53
CA HIS B 13 -0.73 -15.39 12.30
C HIS B 13 -0.13 -15.43 13.69
N SER B 14 1.18 -15.20 13.81
CA SER B 14 1.83 -15.27 15.12
C SER B 14 1.31 -14.18 16.05
N THR B 15 1.17 -12.95 15.54
CA THR B 15 0.64 -11.87 16.36
C THR B 15 -0.80 -12.14 16.77
N ASN B 16 -1.60 -12.68 15.85
CA ASN B 16 -3.00 -13.01 16.17
C ASN B 16 -3.07 -14.10 17.23
N VAL B 17 -2.20 -15.11 17.14
CA VAL B 17 -2.19 -16.17 18.15
C VAL B 17 -1.78 -15.59 19.50
N LEU B 18 -0.79 -14.70 19.52
CA LEU B 18 -0.37 -14.09 20.78
C LEU B 18 -1.49 -13.24 21.39
N LEU B 19 -2.19 -12.46 20.56
CA LEU B 19 -3.31 -11.66 21.05
C LEU B 19 -4.42 -12.56 21.58
N SER B 20 -4.71 -13.65 20.88
CA SER B 20 -5.73 -14.59 21.34
C SER B 20 -5.33 -15.21 22.68
N LEU B 21 -4.06 -15.59 22.82
CA LEU B 21 -3.60 -16.17 24.07
C LEU B 21 -3.68 -15.17 25.22
N ASN B 22 -3.37 -13.90 24.93
CA ASN B 22 -3.56 -12.86 25.94
C ASN B 22 -5.03 -12.75 26.34
N ASP B 23 -5.92 -12.87 25.36
CA ASP B 23 -7.36 -12.86 25.68
C ASP B 23 -7.74 -14.04 26.57
N GLN B 24 -7.21 -15.22 26.27
CA GLN B 24 -7.49 -16.39 27.12
C GLN B 24 -6.97 -16.17 28.53
N ARG B 25 -5.76 -15.62 28.66
CA ARG B 25 -5.18 -15.38 29.98
C ARG B 25 -6.00 -14.36 30.76
N LYS B 26 -6.44 -13.28 30.10
CA LYS B 26 -7.23 -12.27 30.78
C LYS B 26 -8.56 -12.83 31.26
N LYS B 27 -9.21 -13.65 30.44
CA LYS B 27 -10.47 -14.27 30.81
C LYS B 27 -10.29 -15.53 31.64
N ASP B 28 -9.05 -15.97 31.87
CA ASP B 28 -8.75 -17.15 32.68
C ASP B 28 -9.46 -18.40 32.12
N VAL B 29 -9.35 -18.57 30.81
CA VAL B 29 -9.92 -19.74 30.13
C VAL B 29 -8.76 -20.48 29.47
N LEU B 30 -8.69 -21.79 29.72
CA LEU B 30 -7.56 -22.61 29.27
C LEU B 30 -6.22 -22.06 29.75
N CYS B 31 -6.20 -21.58 30.99
CA CYS B 31 -4.96 -21.22 31.67
C CYS B 31 -4.52 -22.39 32.54
N ASP B 32 -3.23 -22.72 32.50
CA ASP B 32 -2.75 -23.95 33.12
C ASP B 32 -1.83 -23.72 34.30
N VAL B 33 -0.97 -22.71 34.28
CA VAL B 33 0.05 -22.54 35.30
C VAL B 33 -0.30 -21.35 36.19
N THR B 34 -0.24 -21.56 37.49
CA THR B 34 -0.46 -20.53 38.49
C THR B 34 0.87 -20.19 39.15
N ILE B 35 1.19 -18.90 39.20
CA ILE B 35 2.45 -18.41 39.77
C ILE B 35 2.13 -17.57 40.99
N PHE B 36 2.77 -17.89 42.11
CA PHE B 36 2.54 -17.20 43.38
C PHE B 36 3.73 -16.28 43.64
N VAL B 37 3.53 -14.98 43.45
CA VAL B 37 4.56 -13.97 43.68
C VAL B 37 4.09 -13.06 44.80
N GLU B 38 4.85 -13.06 45.90
CA GLU B 38 4.57 -12.20 47.06
C GLU B 38 3.14 -12.39 47.56
N GLY B 39 2.68 -13.63 47.54
CA GLY B 39 1.34 -13.94 48.00
C GLY B 39 0.23 -13.60 47.03
N GLN B 40 0.56 -13.22 45.79
CA GLN B 40 -0.41 -12.86 44.78
C GLN B 40 -0.38 -13.87 43.65
N ARG B 41 -1.55 -14.23 43.14
CA ARG B 41 -1.71 -15.29 42.16
C ARG B 41 -1.78 -14.71 40.74
N PHE B 42 -1.03 -15.34 39.84
CA PHE B 42 -1.01 -14.97 38.42
C PHE B 42 -1.34 -16.21 37.59
N ARG B 43 -2.24 -16.06 36.63
CA ARG B 43 -2.60 -17.14 35.73
C ARG B 43 -1.84 -16.99 34.41
N ALA B 44 -1.41 -18.12 33.84
CA ALA B 44 -0.70 -18.09 32.57
C ALA B 44 -0.82 -19.46 31.93
N HIS B 45 -0.30 -19.56 30.70
CA HIS B 45 -0.24 -20.83 29.99
C HIS B 45 1.14 -21.45 30.16
N ARG B 46 1.15 -22.76 30.43
CA ARG B 46 2.43 -23.46 30.60
C ARG B 46 3.26 -23.40 29.33
N SER B 47 2.63 -23.59 28.17
CA SER B 47 3.35 -23.61 26.91
C SER B 47 4.01 -22.27 26.63
N VAL B 48 3.28 -21.17 26.81
CA VAL B 48 3.82 -19.85 26.51
C VAL B 48 4.95 -19.50 27.48
N LEU B 49 4.78 -19.82 28.77
CA LEU B 49 5.82 -19.54 29.74
C LEU B 49 7.08 -20.35 29.44
N ALA B 50 6.92 -21.62 29.07
CA ALA B 50 8.10 -22.42 28.72
C ALA B 50 8.73 -21.94 27.42
N ALA B 51 7.95 -21.38 26.51
CA ALA B 51 8.50 -20.89 25.26
C ALA B 51 9.27 -19.60 25.44
N CYS B 52 8.76 -18.69 26.28
CA CYS B 52 9.40 -17.38 26.43
C CYS B 52 10.67 -17.47 27.26
N SER B 53 10.55 -17.89 28.51
CA SER B 53 11.65 -17.87 29.46
C SER B 53 12.24 -19.27 29.60
N SER B 54 13.58 -19.36 29.52
CA SER B 54 14.24 -20.65 29.73
C SER B 54 14.21 -21.07 31.19
N TYR B 55 14.12 -20.11 32.11
CA TYR B 55 14.00 -20.45 33.54
C TYR B 55 12.73 -21.22 33.80
N PHE B 56 11.58 -20.69 33.36
CA PHE B 56 10.33 -21.42 33.48
C PHE B 56 10.33 -22.68 32.61
N HIS B 57 11.06 -22.65 31.49
CA HIS B 57 11.16 -23.84 30.65
C HIS B 57 11.80 -24.99 31.42
N SER B 58 12.85 -24.70 32.19
CA SER B 58 13.48 -25.74 32.99
C SER B 58 12.64 -26.09 34.21
N ARG B 59 12.01 -25.08 34.83
CA ARG B 59 11.22 -25.33 36.04
C ARG B 59 10.01 -26.20 35.76
N ILE B 60 9.32 -25.98 34.65
CA ILE B 60 8.08 -26.70 34.37
C ILE B 60 8.38 -28.10 33.83
N VAL B 61 9.26 -28.19 32.85
CA VAL B 61 9.60 -29.48 32.26
C VAL B 61 10.40 -30.33 33.24
N ASN B 69 1.90 -24.99 40.09
CA ASN B 69 1.97 -23.96 41.12
C ASN B 69 3.41 -23.52 41.36
N ILE B 70 3.91 -22.66 40.48
CA ILE B 70 5.28 -22.16 40.60
C ILE B 70 5.33 -21.06 41.64
N THR B 71 6.23 -21.20 42.61
CA THR B 71 6.42 -20.22 43.67
C THR B 71 7.72 -19.47 43.39
N LEU B 72 7.60 -18.22 42.94
CA LEU B 72 8.78 -17.43 42.64
C LEU B 72 9.52 -17.07 43.92
N PRO B 73 10.84 -16.94 43.86
CA PRO B 73 11.61 -16.58 45.05
C PRO B 73 11.30 -15.17 45.52
N GLU B 74 11.59 -14.91 46.79
CA GLU B 74 11.32 -13.62 47.39
C GLU B 74 12.18 -12.50 46.79
N GLU B 75 13.23 -12.85 46.05
CA GLU B 75 14.10 -11.82 45.47
C GLU B 75 13.36 -10.95 44.47
N VAL B 76 12.53 -11.57 43.61
CA VAL B 76 11.79 -10.82 42.59
C VAL B 76 10.59 -10.14 43.24
N THR B 77 9.97 -9.23 42.50
CA THR B 77 8.86 -8.43 43.00
C THR B 77 7.71 -8.48 42.01
N VAL B 78 6.49 -8.34 42.52
CA VAL B 78 5.31 -8.33 41.65
C VAL B 78 5.38 -7.18 40.67
N LYS B 79 5.88 -6.02 41.11
CA LYS B 79 6.01 -4.87 40.22
C LYS B 79 6.95 -5.13 39.06
N GLY B 80 7.90 -6.06 39.22
CA GLY B 80 8.83 -6.37 38.16
C GLY B 80 8.43 -7.58 37.33
N PHE B 81 7.44 -8.32 37.80
CA PHE B 81 6.95 -9.50 37.09
C PHE B 81 5.66 -9.25 36.33
N GLU B 82 4.79 -8.39 36.83
CA GLU B 82 3.52 -8.11 36.15
C GLU B 82 3.72 -7.60 34.72
N PRO B 83 4.58 -6.60 34.45
CA PRO B 83 4.80 -6.22 33.05
C PRO B 83 5.38 -7.34 32.20
N LEU B 84 6.10 -8.28 32.81
CA LEU B 84 6.76 -9.33 32.03
C LEU B 84 5.75 -10.30 31.43
N ILE B 85 4.68 -10.62 32.16
CA ILE B 85 3.66 -11.49 31.62
C ILE B 85 2.97 -10.83 30.43
N GLN B 86 2.66 -9.54 30.54
CA GLN B 86 2.06 -8.81 29.43
C GLN B 86 3.00 -8.76 28.24
N PHE B 87 4.30 -8.56 28.49
CA PHE B 87 5.27 -8.58 27.39
C PHE B 87 5.31 -9.94 26.72
N ALA B 88 5.30 -11.01 27.52
CA ALA B 88 5.35 -12.36 26.96
C ALA B 88 4.13 -12.65 26.12
N TYR B 89 2.95 -12.20 26.55
CA TYR B 89 1.72 -12.50 25.84
C TYR B 89 1.35 -11.46 24.77
N THR B 90 2.10 -10.36 24.66
CA THR B 90 1.78 -9.34 23.66
C THR B 90 2.98 -8.82 22.88
N ALA B 91 4.22 -9.24 23.21
CA ALA B 91 5.42 -8.80 22.49
C ALA B 91 5.65 -7.30 22.61
N LYS B 92 5.17 -6.70 23.71
CA LYS B 92 5.37 -5.28 23.96
C LYS B 92 5.50 -5.07 25.47
N LEU B 93 6.48 -4.27 25.88
CA LEU B 93 6.78 -4.03 27.27
C LEU B 93 6.56 -2.57 27.61
N ILE B 94 5.83 -2.31 28.70
CA ILE B 94 5.62 -0.97 29.21
C ILE B 94 6.55 -0.76 30.41
N LEU B 95 7.31 0.33 30.39
CA LEU B 95 8.31 0.61 31.40
C LEU B 95 8.13 2.01 31.95
N SER B 96 8.52 2.19 33.21
CA SER B 96 8.48 3.47 33.89
C SER B 96 9.84 3.74 34.52
N LYS B 97 9.96 4.92 35.15
CA LYS B 97 11.23 5.29 35.77
C LYS B 97 11.50 4.45 37.02
N GLU B 98 10.45 4.12 37.78
CA GLU B 98 10.64 3.41 39.03
C GLU B 98 10.93 1.93 38.81
N ASN B 99 10.28 1.31 37.82
CA ASN B 99 10.32 -0.14 37.66
C ASN B 99 11.29 -0.60 36.57
N VAL B 100 12.09 0.30 35.99
CA VAL B 100 12.99 -0.10 34.92
C VAL B 100 14.04 -1.09 35.44
N ASP B 101 14.63 -0.78 36.60
CA ASP B 101 15.60 -1.70 37.18
C ASP B 101 14.94 -3.00 37.64
N GLU B 102 13.71 -2.91 38.16
CA GLU B 102 12.99 -4.09 38.58
C GLU B 102 12.75 -5.03 37.39
N VAL B 103 12.28 -4.48 36.28
CA VAL B 103 12.04 -5.30 35.09
C VAL B 103 13.37 -5.82 34.54
N CYS B 104 14.42 -5.01 34.63
CA CYS B 104 15.73 -5.45 34.14
C CYS B 104 16.23 -6.68 34.90
N LYS B 105 16.21 -6.62 36.24
CA LYS B 105 16.70 -7.77 36.99
C LYS B 105 15.73 -8.93 36.92
N CYS B 106 14.42 -8.68 36.74
CA CYS B 106 13.49 -9.78 36.53
C CYS B 106 13.78 -10.51 35.23
N VAL B 107 14.08 -9.76 34.16
CA VAL B 107 14.45 -10.38 32.90
C VAL B 107 15.74 -11.16 33.05
N GLU B 108 16.72 -10.58 33.75
CA GLU B 108 17.99 -11.28 33.95
C GLU B 108 17.80 -12.58 34.71
N PHE B 109 16.96 -12.57 35.75
CA PHE B 109 16.72 -13.78 36.53
C PHE B 109 15.93 -14.81 35.73
N LEU B 110 14.92 -14.38 34.99
CA LEU B 110 14.05 -15.29 34.25
C LEU B 110 14.62 -15.68 32.89
N SER B 111 15.66 -15.00 32.42
CA SER B 111 16.28 -15.30 31.12
C SER B 111 15.26 -15.25 29.99
N VAL B 112 14.41 -14.22 30.01
CA VAL B 112 13.38 -14.09 28.99
C VAL B 112 14.01 -13.81 27.63
N HIS B 113 13.60 -14.56 26.63
CA HIS B 113 14.16 -14.47 25.29
C HIS B 113 13.42 -13.43 24.47
N ASN B 114 14.07 -12.95 23.41
CA ASN B 114 13.60 -12.03 22.39
C ASN B 114 13.59 -10.58 22.87
N ILE B 115 13.97 -10.30 24.10
CA ILE B 115 14.06 -8.93 24.58
C ILE B 115 15.50 -8.45 24.41
N GLU B 116 15.67 -7.13 24.34
CA GLU B 116 16.97 -6.51 24.14
C GLU B 116 17.37 -5.74 25.38
N GLU B 117 18.58 -6.01 25.90
CA GLU B 117 19.08 -5.29 27.05
C GLU B 117 19.37 -3.83 26.73
N SER B 118 19.48 -3.47 25.45
CA SER B 118 19.66 -2.07 25.08
C SER B 118 18.48 -1.23 25.53
N CYS B 119 17.27 -1.80 25.48
CA CYS B 119 16.09 -1.07 25.95
C CYS B 119 16.22 -0.73 27.43
N PHE B 120 16.70 -1.67 28.24
CA PHE B 120 16.91 -1.39 29.67
C PHE B 120 18.03 -0.38 29.86
N GLN B 121 19.13 -0.52 29.12
CA GLN B 121 20.29 0.35 29.34
C GLN B 121 20.07 1.76 28.81
N PHE B 122 19.10 1.96 27.92
CA PHE B 122 18.82 3.30 27.41
C PHE B 122 18.35 4.23 28.53
N LEU B 123 17.47 3.74 29.40
CA LEU B 123 16.96 4.53 30.51
C LEU B 123 17.81 4.42 31.76
N LYS B 124 18.84 3.57 31.76
CA LYS B 124 19.70 3.40 32.92
C LYS B 124 20.89 4.36 32.88
N GLU C 12 -37.25 32.74 7.22
CA GLU C 12 -37.41 34.11 6.75
C GLU C 12 -37.53 34.16 5.24
N ILE C 13 -38.78 34.33 4.76
CA ILE C 13 -39.08 34.38 3.33
C ILE C 13 -38.57 33.10 2.68
N PHE C 14 -38.89 31.96 3.27
CA PHE C 14 -38.46 30.66 2.77
C PHE C 14 -39.61 29.97 2.05
N GLU C 15 -39.29 29.34 0.92
CA GLU C 15 -40.30 28.65 0.12
C GLU C 15 -40.73 27.35 0.81
N VAL C 16 -42.01 27.03 0.64
CA VAL C 16 -42.62 25.95 1.43
C VAL C 16 -42.06 24.59 1.03
N ASP C 17 -41.87 24.35 -0.26
CA ASP C 17 -41.47 23.03 -0.73
C ASP C 17 -40.11 22.64 -0.17
N VAL C 18 -40.00 21.37 0.24
CA VAL C 18 -38.78 20.89 0.88
C VAL C 18 -37.72 20.48 -0.12
N GLU C 19 -38.07 20.27 -1.39
CA GLU C 19 -37.10 19.85 -2.39
C GLU C 19 -36.00 20.87 -2.62
N ILE C 20 -36.26 22.14 -2.31
CA ILE C 20 -35.23 23.17 -2.42
C ILE C 20 -34.19 23.07 -1.33
N ALA C 21 -34.45 22.31 -0.27
CA ALA C 21 -33.52 22.14 0.83
C ALA C 21 -33.01 20.72 0.99
N LYS C 22 -33.44 19.79 0.13
CA LYS C 22 -32.95 18.42 0.21
C LYS C 22 -31.46 18.35 -0.08
N GLN C 23 -30.99 19.15 -1.05
CA GLN C 23 -29.56 19.19 -1.35
C GLN C 23 -28.76 19.72 -0.17
N SER C 24 -29.31 20.68 0.57
CA SER C 24 -28.62 21.24 1.72
C SER C 24 -28.49 20.21 2.83
N VAL C 25 -27.42 20.33 3.62
CA VAL C 25 -27.11 19.41 4.69
C VAL C 25 -27.36 20.03 6.06
N THR C 26 -27.10 21.33 6.20
CA THR C 26 -27.20 21.97 7.52
C THR C 26 -28.63 21.96 8.04
N ILE C 27 -29.62 22.18 7.17
CA ILE C 27 -31.00 22.18 7.61
C ILE C 27 -31.43 20.81 8.10
N LYS C 28 -30.91 19.74 7.48
CA LYS C 28 -31.26 18.38 7.89
C LYS C 28 -30.78 18.03 9.29
N THR C 29 -29.87 18.82 9.87
CA THR C 29 -29.39 18.53 11.21
C THR C 29 -30.49 18.74 12.24
N MET C 30 -31.01 19.97 12.33
CA MET C 30 -32.09 20.27 13.27
C MET C 30 -33.47 19.98 12.72
N LEU C 31 -33.60 19.70 11.42
CA LEU C 31 -34.90 19.28 10.89
C LEU C 31 -35.32 17.93 11.47
N GLU C 32 -34.37 17.01 11.60
CA GLU C 32 -34.66 15.69 12.15
C GLU C 32 -34.59 15.70 13.68
N PRO C 48 -29.62 32.43 9.80
CA PRO C 48 -29.82 32.14 8.37
C PRO C 48 -29.19 33.19 7.47
N ASN C 49 -27.99 33.65 7.85
CA ASN C 49 -27.25 34.65 7.08
C ASN C 49 -28.06 35.92 6.87
N VAL C 50 -28.51 36.15 5.64
CA VAL C 50 -29.26 37.35 5.28
C VAL C 50 -30.50 36.94 4.48
N ASN C 51 -31.43 37.88 4.36
CA ASN C 51 -32.66 37.62 3.64
C ASN C 51 -32.74 38.47 2.38
N ALA C 52 -31.62 38.62 1.69
CA ALA C 52 -31.55 39.30 0.40
C ALA C 52 -31.68 38.25 -0.70
N ALA C 53 -31.52 38.67 -1.95
CA ALA C 53 -31.82 37.82 -3.11
C ALA C 53 -30.97 36.56 -3.17
N ILE C 54 -30.10 36.35 -2.18
CA ILE C 54 -29.22 35.19 -2.18
C ILE C 54 -30.03 33.89 -2.11
N LEU C 55 -31.09 33.85 -1.31
CA LEU C 55 -31.86 32.62 -1.24
C LEU C 55 -32.68 32.43 -2.51
N LYS C 56 -33.07 33.52 -3.17
CA LYS C 56 -33.70 33.40 -4.48
C LYS C 56 -32.76 32.78 -5.50
N LYS C 57 -31.49 33.21 -5.51
CA LYS C 57 -30.50 32.59 -6.38
C LYS C 57 -30.28 31.13 -6.03
N VAL C 58 -30.25 30.82 -4.73
CA VAL C 58 -30.10 29.42 -4.29
C VAL C 58 -31.27 28.58 -4.77
N ILE C 59 -32.49 29.11 -4.68
CA ILE C 59 -33.68 28.40 -5.13
C ILE C 59 -33.61 28.17 -6.64
N GLN C 60 -33.18 29.19 -7.39
CA GLN C 60 -33.04 29.02 -8.84
C GLN C 60 -32.03 27.94 -9.17
N TRP C 61 -30.90 27.92 -8.46
CA TRP C 61 -29.91 26.87 -8.68
C TRP C 61 -30.46 25.50 -8.34
N CYS C 62 -31.21 25.40 -7.25
CA CYS C 62 -31.77 24.11 -6.84
C CYS C 62 -32.78 23.60 -7.86
N THR C 63 -33.60 24.50 -8.41
CA THR C 63 -34.58 24.08 -9.41
C THR C 63 -33.90 23.52 -10.65
N HIS C 64 -32.82 24.14 -11.09
CA HIS C 64 -32.08 23.67 -12.26
C HIS C 64 -30.69 23.21 -11.86
N GLU C 79 -9.83 13.27 -12.37
CA GLU C 79 -9.45 14.67 -12.33
C GLU C 79 -10.66 15.56 -12.04
N LYS C 80 -10.41 16.68 -11.37
CA LYS C 80 -11.44 17.63 -10.98
C LYS C 80 -11.42 18.88 -11.86
N ARG C 81 -11.18 18.69 -13.15
CA ARG C 81 -11.08 19.82 -14.08
C ARG C 81 -12.37 20.63 -14.10
N THR C 82 -12.22 21.94 -14.14
CA THR C 82 -13.35 22.87 -14.12
C THR C 82 -13.81 23.28 -15.51
N ASP C 83 -13.20 22.76 -16.56
CA ASP C 83 -13.59 23.14 -17.92
C ASP C 83 -14.93 22.57 -18.33
N ASP C 84 -15.49 21.62 -17.58
CA ASP C 84 -16.78 21.02 -17.88
C ASP C 84 -17.90 21.63 -17.04
N ILE C 85 -17.82 22.91 -16.73
CA ILE C 85 -18.85 23.57 -15.94
C ILE C 85 -20.15 23.62 -16.73
N PRO C 86 -21.31 23.33 -16.13
CA PRO C 86 -22.56 23.39 -16.88
C PRO C 86 -22.85 24.81 -17.36
N VAL C 87 -23.53 24.88 -18.52
CA VAL C 87 -23.81 26.18 -19.14
C VAL C 87 -24.79 26.98 -18.31
N TRP C 88 -25.80 26.32 -17.74
CA TRP C 88 -26.83 27.03 -16.99
C TRP C 88 -26.23 27.73 -15.77
N ASP C 89 -25.40 27.02 -15.01
CA ASP C 89 -24.77 27.63 -13.84
C ASP C 89 -23.74 28.67 -14.25
N GLN C 90 -23.02 28.44 -15.35
CA GLN C 90 -22.02 29.40 -15.80
C GLN C 90 -22.67 30.72 -16.19
N GLU C 91 -23.78 30.68 -16.92
CA GLU C 91 -24.49 31.89 -17.30
C GLU C 91 -25.34 32.45 -16.18
N PHE C 92 -25.65 31.64 -15.16
CA PHE C 92 -26.42 32.12 -14.02
C PHE C 92 -25.56 32.89 -13.03
N LEU C 93 -24.26 32.62 -13.00
CA LEU C 93 -23.34 33.27 -12.09
C LEU C 93 -22.67 34.50 -12.69
N LYS C 94 -23.34 35.18 -13.62
CA LYS C 94 -22.80 36.38 -14.25
C LYS C 94 -22.90 37.61 -13.36
N VAL C 95 -23.26 37.44 -12.08
CA VAL C 95 -23.38 38.55 -11.14
C VAL C 95 -21.99 39.09 -10.81
N ASP C 96 -21.94 40.24 -10.16
CA ASP C 96 -20.67 40.87 -9.82
C ASP C 96 -19.90 40.00 -8.82
N GLN C 97 -18.64 40.39 -8.58
CA GLN C 97 -17.77 39.63 -7.70
C GLN C 97 -18.30 39.59 -6.28
N GLY C 98 -18.81 40.72 -5.79
CA GLY C 98 -19.37 40.74 -4.44
C GLY C 98 -20.56 39.82 -4.27
N THR C 99 -21.47 39.81 -5.25
CA THR C 99 -22.59 38.90 -5.21
C THR C 99 -22.12 37.45 -5.28
N LEU C 100 -21.09 37.18 -6.09
CA LEU C 100 -20.55 35.82 -6.18
C LEU C 100 -19.98 35.38 -4.84
N PHE C 101 -19.25 36.26 -4.16
CA PHE C 101 -18.68 35.89 -2.86
C PHE C 101 -19.76 35.72 -1.81
N GLU C 102 -20.81 36.56 -1.86
CA GLU C 102 -21.94 36.37 -0.95
C GLU C 102 -22.62 35.03 -1.20
N LEU C 103 -22.76 34.63 -2.46
CA LEU C 103 -23.32 33.33 -2.79
C LEU C 103 -22.42 32.21 -2.29
N ILE C 104 -21.09 32.39 -2.38
CA ILE C 104 -20.17 31.40 -1.85
C ILE C 104 -20.35 31.24 -0.35
N LEU C 105 -20.46 32.36 0.37
CA LEU C 105 -20.69 32.31 1.80
C LEU C 105 -22.00 31.64 2.14
N ALA C 106 -23.07 31.96 1.39
CA ALA C 106 -24.36 31.34 1.63
C ALA C 106 -24.32 29.84 1.38
N ALA C 107 -23.65 29.41 0.32
CA ALA C 107 -23.53 27.98 0.03
C ALA C 107 -22.73 27.26 1.10
N ASN C 108 -21.65 27.88 1.58
CA ASN C 108 -20.86 27.26 2.64
C ASN C 108 -21.67 27.16 3.93
N TYR C 109 -22.47 28.19 4.24
CA TYR C 109 -23.32 28.13 5.42
C TYR C 109 -24.40 27.07 5.27
N LEU C 110 -24.91 26.89 4.06
CA LEU C 110 -25.94 25.91 3.78
C LEU C 110 -25.38 24.52 3.50
N ASP C 111 -24.06 24.39 3.36
CA ASP C 111 -23.41 23.11 3.07
C ASP C 111 -23.97 22.47 1.79
N ILE C 112 -24.23 23.30 0.79
CA ILE C 112 -24.69 22.83 -0.51
C ILE C 112 -23.44 22.49 -1.31
N LYS C 113 -23.16 21.19 -1.46
CA LYS C 113 -21.93 20.77 -2.12
C LYS C 113 -21.91 21.17 -3.59
N GLY C 114 -23.04 21.04 -4.28
CA GLY C 114 -23.06 21.37 -5.70
C GLY C 114 -22.83 22.84 -5.97
N LEU C 115 -23.51 23.71 -5.23
CA LEU C 115 -23.36 25.15 -5.45
C LEU C 115 -21.96 25.61 -5.04
N LEU C 116 -21.44 25.09 -3.92
CA LEU C 116 -20.09 25.43 -3.51
C LEU C 116 -19.07 24.97 -4.54
N ASP C 117 -19.26 23.77 -5.08
CA ASP C 117 -18.36 23.27 -6.12
C ASP C 117 -18.40 24.13 -7.36
N VAL C 118 -19.60 24.54 -7.79
CA VAL C 118 -19.72 25.38 -8.98
C VAL C 118 -19.07 26.74 -8.75
N THR C 119 -19.30 27.35 -7.59
CA THR C 119 -18.71 28.65 -7.31
C THR C 119 -17.19 28.57 -7.23
N CYS C 120 -16.67 27.52 -6.60
CA CYS C 120 -15.22 27.34 -6.53
C CYS C 120 -14.64 27.09 -7.91
N LYS C 121 -15.35 26.36 -8.77
CA LYS C 121 -14.93 26.18 -10.14
C LYS C 121 -14.84 27.52 -10.87
N THR C 122 -15.85 28.38 -10.68
CA THR C 122 -15.82 29.70 -11.31
C THR C 122 -14.65 30.54 -10.80
N VAL C 123 -14.41 30.51 -9.48
CA VAL C 123 -13.33 31.30 -8.92
C VAL C 123 -11.98 30.81 -9.43
N ALA C 124 -11.80 29.48 -9.49
CA ALA C 124 -10.55 28.93 -9.99
C ALA C 124 -10.37 29.26 -11.48
N ASN C 125 -11.44 29.22 -12.26
CA ASN C 125 -11.36 29.56 -13.67
C ASN C 125 -10.95 31.02 -13.85
N MET C 126 -11.52 31.92 -13.05
CA MET C 126 -11.14 33.32 -13.10
C MET C 126 -9.82 33.60 -12.40
N ILE C 127 -9.24 32.62 -11.72
CA ILE C 127 -7.93 32.73 -11.12
C ILE C 127 -6.84 32.21 -12.05
N LYS C 128 -7.14 31.16 -12.82
CA LYS C 128 -6.15 30.53 -13.69
C LYS C 128 -5.61 31.52 -14.72
N GLY C 129 -4.32 31.39 -15.02
CA GLY C 129 -3.68 32.23 -16.01
C GLY C 129 -3.23 33.59 -15.51
N LYS C 130 -3.23 33.82 -14.20
CA LYS C 130 -2.84 35.10 -13.62
C LYS C 130 -1.70 34.90 -12.63
N THR C 131 -0.69 35.76 -12.72
CA THR C 131 0.43 35.71 -11.79
C THR C 131 -0.03 36.15 -10.40
N PRO C 132 0.71 35.76 -9.35
CA PRO C 132 0.29 36.14 -7.99
C PRO C 132 0.11 37.64 -7.81
N GLU C 133 0.96 38.45 -8.42
CA GLU C 133 0.79 39.90 -8.34
C GLU C 133 -0.52 40.33 -8.99
N GLU C 134 -0.84 39.78 -10.16
CA GLU C 134 -2.10 40.09 -10.82
C GLU C 134 -3.28 39.68 -9.96
N ILE C 135 -3.21 38.51 -9.34
CA ILE C 135 -4.28 38.06 -8.44
C ILE C 135 -4.44 39.02 -7.28
N ARG C 136 -3.34 39.45 -6.67
CA ARG C 136 -3.44 40.31 -5.50
C ARG C 136 -3.99 41.68 -5.86
N LYS C 137 -3.57 42.24 -7.00
CA LYS C 137 -4.18 43.51 -7.43
C LYS C 137 -5.66 43.34 -7.78
N THR C 138 -6.03 42.20 -8.37
CA THR C 138 -7.44 41.97 -8.70
C THR C 138 -8.29 41.89 -7.44
N PHE C 139 -7.81 41.20 -6.41
CA PHE C 139 -8.58 40.98 -5.20
C PHE C 139 -8.23 41.96 -4.08
N ASN C 140 -7.27 42.86 -4.31
CA ASN C 140 -6.88 43.88 -3.33
C ASN C 140 -6.49 43.24 -2.00
N ILE C 141 -5.60 42.26 -2.07
CA ILE C 141 -5.12 41.56 -0.89
C ILE C 141 -3.84 42.25 -0.41
N LYS C 142 -3.86 42.73 0.83
CA LYS C 142 -2.69 43.39 1.39
C LYS C 142 -1.58 42.38 1.66
N ASN C 143 -0.34 42.83 1.52
CA ASN C 143 0.82 41.96 1.69
C ASN C 143 1.27 42.00 3.15
N ASP C 144 1.29 40.81 3.78
CA ASP C 144 1.78 40.66 5.15
C ASP C 144 3.04 39.81 5.21
N PHE C 145 3.78 39.73 4.10
CA PHE C 145 4.98 38.92 3.98
C PHE C 145 6.22 39.81 3.96
N THR C 146 7.38 39.18 3.83
CA THR C 146 8.65 39.87 3.73
C THR C 146 9.37 39.39 2.48
N GLU C 147 10.31 40.20 2.00
CA GLU C 147 10.88 39.98 0.67
C GLU C 147 11.72 38.70 0.58
N GLU C 148 12.44 38.34 1.66
CA GLU C 148 13.21 37.09 1.59
C GLU C 148 12.32 35.87 1.74
N GLU C 149 11.22 35.99 2.49
CA GLU C 149 10.23 34.91 2.52
C GLU C 149 9.63 34.69 1.14
N GLU C 150 9.30 35.78 0.43
CA GLU C 150 8.85 35.65 -0.95
C GLU C 150 9.92 35.01 -1.82
N ALA C 151 11.16 35.45 -1.66
CA ALA C 151 12.25 34.87 -2.46
C ALA C 151 12.32 33.36 -2.26
N GLN C 152 12.28 32.91 -1.01
CA GLN C 152 12.44 31.48 -0.75
C GLN C 152 11.20 30.69 -1.16
N VAL C 153 10.00 31.26 -1.05
CA VAL C 153 8.82 30.50 -1.45
C VAL C 153 8.74 30.36 -2.97
N ARG C 154 9.04 31.43 -3.72
CA ARG C 154 9.05 31.29 -5.17
C ARG C 154 10.31 30.62 -5.69
N LYS C 155 11.32 30.41 -4.85
CA LYS C 155 12.46 29.58 -5.23
C LYS C 155 12.19 28.10 -4.98
N GLU C 156 11.55 27.77 -3.86
CA GLU C 156 11.29 26.37 -3.52
C GLU C 156 10.37 25.70 -4.53
N ASN C 157 9.47 26.45 -5.15
CA ASN C 157 8.55 25.93 -6.17
C ASN C 157 8.84 26.69 -7.46
N GLN C 158 9.84 26.21 -8.21
CA GLN C 158 10.27 26.86 -9.45
C GLN C 158 10.18 25.93 -10.65
N TRP C 159 9.51 24.79 -10.53
CA TRP C 159 9.28 23.92 -11.68
C TRP C 159 8.23 24.50 -12.61
N CYS C 160 7.26 25.23 -12.08
CA CYS C 160 6.11 25.66 -12.86
C CYS C 160 6.44 26.79 -13.84
N GLU C 161 7.44 27.61 -13.53
CA GLU C 161 7.78 28.71 -14.43
C GLU C 161 8.31 28.22 -15.77
N GLU C 162 8.73 26.97 -15.85
CA GLU C 162 9.15 26.41 -17.13
C GLU C 162 7.92 26.16 -18.02
N LYS C 163 8.15 26.15 -19.32
CA LYS C 163 7.07 25.96 -20.28
C LYS C 163 7.11 24.54 -20.87
N ARG D 10 -15.71 42.82 1.03
CA ARG D 10 -16.01 41.44 1.38
C ARG D 10 -15.25 40.47 0.48
N SER D 11 -14.73 40.99 -0.63
CA SER D 11 -14.00 40.14 -1.57
C SER D 11 -12.74 39.56 -0.93
N THR D 12 -11.93 40.42 -0.31
CA THR D 12 -10.72 39.93 0.35
C THR D 12 -11.04 39.13 1.61
N PHE D 13 -12.15 39.44 2.28
CA PHE D 13 -12.50 38.75 3.50
C PHE D 13 -12.77 37.27 3.25
N VAL D 14 -13.44 36.96 2.13
CA VAL D 14 -13.81 35.58 1.84
C VAL D 14 -12.57 34.71 1.71
N LEU D 15 -11.56 35.20 0.99
CA LEU D 15 -10.34 34.43 0.74
C LEU D 15 -9.27 34.63 1.81
N SER D 16 -9.50 35.54 2.78
CA SER D 16 -8.53 35.75 3.85
C SER D 16 -8.98 35.22 5.20
N ASN D 17 -10.26 34.94 5.39
CA ASN D 17 -10.75 34.45 6.67
C ASN D 17 -11.40 33.08 6.61
N LEU D 18 -11.97 32.69 5.47
CA LEU D 18 -12.64 31.39 5.33
C LEU D 18 -11.67 30.44 4.65
N ALA D 19 -10.94 29.66 5.47
CA ALA D 19 -9.93 28.75 4.93
C ALA D 19 -10.55 27.63 4.10
N GLU D 20 -11.75 27.17 4.47
CA GLU D 20 -12.39 26.09 3.72
C GLU D 20 -12.70 26.52 2.29
N VAL D 21 -13.18 27.75 2.12
CA VAL D 21 -13.48 28.26 0.78
C VAL D 21 -12.22 28.32 -0.06
N VAL D 22 -11.12 28.81 0.52
CA VAL D 22 -9.85 28.87 -0.20
C VAL D 22 -9.38 27.48 -0.58
N GLU D 23 -9.50 26.52 0.34
CA GLU D 23 -9.09 25.14 0.05
C GLU D 23 -9.91 24.57 -1.10
N ARG D 24 -11.23 24.76 -1.07
CA ARG D 24 -12.07 24.20 -2.12
C ARG D 24 -11.83 24.90 -3.46
N VAL D 25 -11.49 26.18 -3.44
CA VAL D 25 -11.16 26.89 -4.68
C VAL D 25 -9.84 26.36 -5.25
N LEU D 26 -8.82 26.24 -4.39
CA LEU D 26 -7.50 25.81 -4.83
C LEU D 26 -7.44 24.32 -5.17
N THR D 27 -8.45 23.55 -4.76
CA THR D 27 -8.49 22.15 -5.17
C THR D 27 -8.59 22.02 -6.68
N PHE D 28 -9.38 22.88 -7.33
CA PHE D 28 -9.51 22.87 -8.78
C PHE D 28 -8.28 23.42 -9.49
N LEU D 29 -7.40 24.12 -8.79
CA LEU D 29 -6.19 24.63 -9.40
C LEU D 29 -5.21 23.49 -9.65
N PRO D 30 -4.66 23.35 -10.85
CA PRO D 30 -3.64 22.33 -11.09
C PRO D 30 -2.39 22.61 -10.29
N ALA D 31 -1.50 21.62 -10.24
CA ALA D 31 -0.32 21.70 -9.37
C ALA D 31 0.56 22.89 -9.74
N LYS D 32 0.72 23.15 -11.05
CA LYS D 32 1.56 24.26 -11.48
C LYS D 32 0.98 25.60 -11.01
N ALA D 33 -0.30 25.84 -11.29
CA ALA D 33 -0.95 27.04 -10.77
C ALA D 33 -1.04 27.02 -9.25
N LEU D 34 -1.11 25.83 -8.66
CA LEU D 34 -1.12 25.72 -7.20
C LEU D 34 0.17 26.28 -6.63
N LEU D 35 1.31 25.93 -7.21
CA LEU D 35 2.58 26.47 -6.74
C LEU D 35 2.77 27.93 -7.12
N ARG D 36 2.15 28.38 -8.22
CA ARG D 36 2.06 29.82 -8.44
C ARG D 36 1.39 30.53 -7.26
N VAL D 37 0.16 30.12 -6.93
CA VAL D 37 -0.60 30.81 -5.89
C VAL D 37 -0.13 30.46 -4.49
N ALA D 38 0.85 29.56 -4.35
CA ALA D 38 1.42 29.26 -3.04
C ALA D 38 1.91 30.52 -2.32
N CYS D 39 2.50 31.46 -3.07
CA CYS D 39 3.10 32.64 -2.47
C CYS D 39 2.13 33.82 -2.37
N VAL D 40 0.82 33.58 -2.52
CA VAL D 40 -0.14 34.68 -2.42
C VAL D 40 -0.19 35.23 -1.01
N CYS D 41 -0.30 34.34 -0.02
CA CYS D 41 -0.40 34.76 1.37
C CYS D 41 -0.09 33.57 2.28
N ARG D 42 0.03 33.85 3.57
CA ARG D 42 0.28 32.78 4.55
C ARG D 42 -0.86 31.78 4.55
N LEU D 43 -2.10 32.27 4.56
CA LEU D 43 -3.25 31.37 4.52
C LEU D 43 -3.27 30.59 3.22
N TRP D 44 -2.96 31.23 2.10
CA TRP D 44 -2.92 30.54 0.82
C TRP D 44 -1.76 29.53 0.78
N ARG D 45 -0.64 29.86 1.42
CA ARG D 45 0.47 28.91 1.49
C ARG D 45 0.07 27.67 2.29
N GLU D 46 -0.58 27.87 3.43
CA GLU D 46 -1.06 26.73 4.21
C GLU D 46 -2.08 25.92 3.41
N CYS D 47 -2.97 26.60 2.69
CA CYS D 47 -3.98 25.91 1.89
C CYS D 47 -3.34 25.07 0.80
N VAL D 48 -2.35 25.62 0.09
CA VAL D 48 -1.73 24.86 -0.99
C VAL D 48 -0.94 23.69 -0.44
N ARG D 49 -0.26 23.87 0.70
CA ARG D 49 0.47 22.76 1.29
C ARG D 49 -0.49 21.65 1.72
N ARG D 50 -1.61 22.02 2.35
CA ARG D 50 -2.55 21.02 2.83
C ARG D 50 -3.28 20.33 1.66
N VAL D 51 -3.54 21.05 0.58
CA VAL D 51 -4.09 20.42 -0.61
C VAL D 51 -3.08 19.45 -1.21
N LEU D 52 -1.80 19.84 -1.23
CA LEU D 52 -0.76 18.91 -1.68
C LEU D 52 -0.70 17.68 -0.80
N ARG D 53 -1.04 17.82 0.49
CA ARG D 53 -1.04 16.65 1.38
C ARG D 53 -2.08 15.62 0.95
N THR D 54 -3.16 16.04 0.30
CA THR D 54 -4.20 15.13 -0.15
C THR D 54 -3.96 14.60 -1.56
N HIS D 55 -2.89 15.02 -2.22
CA HIS D 55 -2.56 14.54 -3.57
C HIS D 55 -1.82 13.21 -3.43
N ARG D 56 -2.59 12.12 -3.37
CA ARG D 56 -2.04 10.79 -3.20
C ARG D 56 -2.28 9.87 -4.40
N SER D 57 -3.02 10.31 -5.41
CA SER D 57 -3.36 9.44 -6.53
C SER D 57 -2.31 9.55 -7.64
N VAL D 58 -1.95 8.41 -8.21
CA VAL D 58 -1.06 8.38 -9.35
C VAL D 58 -1.77 8.95 -10.57
N THR D 59 -1.01 9.62 -11.43
CA THR D 59 -1.54 10.22 -12.65
C THR D 59 -0.61 9.86 -13.80
N TRP D 60 -1.21 9.49 -14.94
CA TRP D 60 -0.45 9.07 -16.11
C TRP D 60 -0.83 9.91 -17.31
N ILE D 61 0.17 10.25 -18.12
CA ILE D 61 -0.02 11.02 -19.34
C ILE D 61 0.37 10.13 -20.49
N SER D 62 -0.62 9.54 -21.16
CA SER D 62 -0.39 8.61 -22.25
C SER D 62 -0.15 9.36 -23.56
N ALA D 63 0.18 8.59 -24.61
CA ALA D 63 0.37 9.14 -25.95
C ALA D 63 -0.01 8.03 -26.94
N GLY D 64 -1.25 8.07 -27.43
CA GLY D 64 -1.72 7.07 -28.37
C GLY D 64 -1.06 7.15 -29.73
N HIS D 74 9.04 12.40 -31.74
CA HIS D 74 8.35 11.64 -30.71
C HIS D 74 7.04 12.31 -30.33
N CYS D 75 6.09 11.52 -29.83
CA CYS D 75 4.76 12.03 -29.51
C CYS D 75 4.65 12.44 -28.04
N LEU D 76 5.04 11.55 -27.14
CA LEU D 76 4.73 11.74 -25.71
C LEU D 76 5.45 12.95 -25.13
N VAL D 77 6.68 13.23 -25.57
CA VAL D 77 7.48 14.26 -24.92
C VAL D 77 6.80 15.62 -25.01
N ARG D 78 6.28 15.95 -26.18
CA ARG D 78 5.49 17.18 -26.30
C ARG D 78 4.13 17.03 -25.63
N VAL D 79 3.54 15.84 -25.69
CA VAL D 79 2.20 15.65 -25.14
C VAL D 79 2.17 15.98 -23.66
N VAL D 80 3.11 15.43 -22.90
CA VAL D 80 3.18 15.76 -21.47
C VAL D 80 3.43 17.25 -21.29
N ALA D 81 4.22 17.86 -22.19
CA ALA D 81 4.45 19.29 -22.12
C ALA D 81 3.14 20.05 -22.23
N GLU D 82 2.20 19.54 -23.03
CA GLU D 82 0.87 20.12 -23.10
C GLU D 82 0.02 19.73 -21.90
N GLU D 83 0.22 18.52 -21.36
CA GLU D 83 -0.60 18.01 -20.27
C GLU D 83 -0.01 18.28 -18.89
N LEU D 84 1.14 18.93 -18.81
CA LEU D 84 1.69 19.27 -17.49
C LEU D 84 0.94 20.41 -16.83
N GLU D 85 0.11 21.16 -17.57
CA GLU D 85 -0.69 22.21 -17.01
C GLU D 85 -2.04 21.73 -16.50
N ASN D 86 -2.41 20.47 -16.78
CA ASN D 86 -3.64 19.88 -16.29
C ASN D 86 -3.39 18.75 -15.29
N VAL D 87 -2.18 18.68 -14.75
CA VAL D 87 -1.83 17.65 -13.77
C VAL D 87 -2.05 18.23 -12.38
N ARG D 88 -2.85 17.53 -11.57
CA ARG D 88 -3.27 18.03 -10.27
C ARG D 88 -2.34 17.62 -9.14
N ILE D 89 -1.23 16.96 -9.44
CA ILE D 89 -0.32 16.45 -8.42
C ILE D 89 1.08 17.00 -8.70
N LEU D 90 1.88 17.09 -7.63
CA LEU D 90 3.27 17.48 -7.78
C LEU D 90 4.13 16.22 -7.73
N PRO D 91 4.71 15.79 -8.85
CA PRO D 91 5.41 14.50 -8.86
C PRO D 91 6.68 14.52 -8.01
N HIS D 92 7.03 13.35 -7.50
CA HIS D 92 8.28 13.12 -6.79
C HIS D 92 9.12 12.05 -7.47
N THR D 93 8.51 10.94 -7.87
CA THR D 93 9.17 9.87 -8.60
C THR D 93 8.41 9.66 -9.91
N VAL D 94 8.83 10.35 -10.96
CA VAL D 94 8.21 10.19 -12.26
C VAL D 94 8.67 8.88 -12.89
N LEU D 95 7.74 8.15 -13.48
CA LEU D 95 8.04 6.94 -14.25
C LEU D 95 7.52 7.14 -15.66
N TYR D 96 8.33 6.83 -16.66
CA TYR D 96 7.86 6.93 -18.03
C TYR D 96 8.59 5.94 -18.91
N MET D 97 7.91 5.53 -19.99
CA MET D 97 8.44 4.57 -20.94
C MET D 97 8.18 5.09 -22.34
N ALA D 98 8.95 4.57 -23.29
CA ALA D 98 8.84 5.00 -24.67
C ALA D 98 9.22 3.85 -25.58
N ASP D 99 8.51 3.71 -26.70
CA ASP D 99 8.83 2.65 -27.65
C ASP D 99 10.15 2.97 -28.36
N SER D 100 10.66 1.97 -29.08
CA SER D 100 12.06 1.98 -29.49
C SER D 100 12.35 3.07 -30.51
N GLU D 101 11.76 2.96 -31.71
CA GLU D 101 12.23 3.78 -32.82
C GLU D 101 11.76 5.22 -32.74
N THR D 102 10.70 5.50 -31.96
CA THR D 102 10.26 6.88 -31.81
C THR D 102 11.25 7.68 -30.96
N PHE D 103 11.66 7.12 -29.81
CA PHE D 103 12.60 7.83 -28.96
C PHE D 103 14.00 7.84 -29.56
N ILE D 104 14.42 6.73 -30.15
CA ILE D 104 15.74 6.62 -30.73
C ILE D 104 15.71 7.05 -32.19
N SER D 120 20.22 9.14 -29.17
CA SER D 120 19.14 10.11 -29.10
C SER D 120 18.87 10.53 -27.65
N MET D 121 19.91 11.05 -27.00
CA MET D 121 19.79 11.49 -25.62
C MET D 121 19.26 12.92 -25.48
N GLU D 122 19.14 13.65 -26.59
CA GLU D 122 18.58 15.00 -26.51
C GLU D 122 17.13 14.98 -26.06
N THR D 123 16.34 14.03 -26.56
CA THR D 123 14.96 13.91 -26.11
C THR D 123 14.88 13.54 -24.63
N ALA D 124 15.80 12.66 -24.18
CA ALA D 124 15.85 12.32 -22.76
C ALA D 124 16.18 13.54 -21.91
N LEU D 125 17.12 14.37 -22.36
CA LEU D 125 17.43 15.59 -21.62
C LEU D 125 16.26 16.56 -21.62
N ALA D 126 15.54 16.65 -22.75
CA ALA D 126 14.37 17.51 -22.82
C ALA D 126 13.29 17.07 -21.83
N LEU D 127 13.06 15.76 -21.73
CA LEU D 127 12.13 15.26 -20.72
C LEU D 127 12.68 15.39 -19.30
N GLU D 128 14.01 15.43 -19.16
CA GLU D 128 14.59 15.62 -17.83
C GLU D 128 14.37 17.04 -17.33
N LYS D 129 14.62 18.03 -18.18
CA LYS D 129 14.47 19.43 -17.79
C LYS D 129 13.01 19.85 -17.64
N LEU D 130 12.07 19.01 -18.07
CA LEU D 130 10.64 19.32 -18.01
C LEU D 130 10.03 18.99 -16.65
N PHE D 131 10.78 18.39 -15.75
CA PHE D 131 10.31 17.95 -14.45
C PHE D 131 11.03 18.72 -13.33
N PRO D 132 10.45 18.76 -12.13
CA PRO D 132 11.10 19.49 -11.04
C PRO D 132 12.49 18.97 -10.73
N LYS D 133 13.34 19.84 -10.19
CA LYS D 133 14.70 19.45 -9.85
C LYS D 133 14.71 18.35 -8.81
N GLN D 134 13.89 18.50 -7.76
CA GLN D 134 13.82 17.48 -6.71
C GLN D 134 13.11 16.22 -7.18
N CYS D 135 12.43 16.26 -8.32
CA CYS D 135 11.67 15.11 -8.80
C CYS D 135 12.62 14.13 -9.48
N GLN D 136 12.84 12.99 -8.85
CA GLN D 136 13.61 11.91 -9.48
C GLN D 136 12.80 11.32 -10.63
N VAL D 137 13.46 11.16 -11.77
CA VAL D 137 12.78 10.76 -13.01
C VAL D 137 13.38 9.45 -13.49
N LEU D 138 12.51 8.49 -13.81
CA LEU D 138 12.90 7.20 -14.37
C LEU D 138 12.33 7.10 -15.78
N GLY D 139 13.18 6.77 -16.73
CA GLY D 139 12.73 6.67 -18.11
C GLY D 139 13.28 5.44 -18.81
N ILE D 140 12.44 4.73 -19.53
CA ILE D 140 12.84 3.48 -20.15
C ILE D 140 12.49 3.51 -21.64
N VAL D 141 13.30 2.83 -22.45
CA VAL D 141 13.01 2.59 -23.86
C VAL D 141 12.82 1.09 -24.05
N THR D 142 11.70 0.72 -24.64
CA THR D 142 11.31 -0.68 -24.80
C THR D 142 10.88 -0.94 -26.23
N PRO D 143 10.99 -2.20 -26.69
CA PRO D 143 10.47 -2.53 -28.04
C PRO D 143 8.98 -2.27 -28.19
N GLY D 144 8.19 -2.50 -27.14
CA GLY D 144 6.77 -2.27 -27.20
C GLY D 144 6.29 -1.52 -25.96
N ILE D 145 5.10 -0.94 -26.08
CA ILE D 145 4.49 -0.17 -25.00
C ILE D 145 3.03 -0.55 -24.89
N VAL D 146 2.60 -0.92 -23.69
CA VAL D 146 1.19 -1.16 -23.38
C VAL D 146 0.72 -0.02 -22.49
N VAL D 147 -0.38 0.63 -22.88
CA VAL D 147 -0.82 1.84 -22.21
C VAL D 147 -2.30 2.04 -22.48
N THR D 148 -3.01 2.56 -21.50
CA THR D 148 -4.42 2.92 -21.65
C THR D 148 -4.56 4.42 -21.85
N PRO D 149 -5.64 4.86 -22.51
CA PRO D 149 -5.89 6.29 -22.63
C PRO D 149 -5.96 6.97 -21.27
N MET D 150 -5.47 8.20 -21.22
CA MET D 150 -5.37 8.93 -19.97
C MET D 150 -6.74 9.36 -19.46
N GLY D 151 -6.75 10.02 -18.32
CA GLY D 151 -7.98 10.51 -17.71
C GLY D 151 -8.59 9.52 -16.74
N SER D 152 -9.14 8.43 -17.25
CA SER D 152 -9.80 7.41 -16.43
C SER D 152 -9.17 6.06 -16.68
N GLY D 153 -8.96 5.30 -15.59
CA GLY D 153 -8.40 3.96 -15.72
C GLY D 153 -9.32 2.97 -16.39
N SER D 154 -10.62 3.29 -16.47
CA SER D 154 -11.59 2.40 -17.09
C SER D 154 -11.41 2.27 -18.60
N ASN D 155 -10.60 3.15 -19.21
CA ASN D 155 -10.43 3.11 -20.65
C ASN D 155 -9.69 1.86 -21.09
N ARG D 156 -10.05 1.33 -22.25
CA ARG D 156 -9.48 0.09 -22.73
C ARG D 156 -8.03 0.30 -23.16
N PRO D 157 -7.07 -0.44 -22.61
CA PRO D 157 -5.67 -0.24 -22.98
C PRO D 157 -5.37 -0.79 -24.37
N GLN D 158 -4.25 -0.32 -24.92
CA GLN D 158 -3.78 -0.71 -26.24
C GLN D 158 -2.31 -1.11 -26.14
N GLU D 159 -1.84 -1.81 -27.17
CA GLU D 159 -0.48 -2.29 -27.26
C GLU D 159 0.19 -1.75 -28.51
N ILE D 160 1.51 -1.56 -28.42
CA ILE D 160 2.29 -1.02 -29.52
C ILE D 160 3.59 -1.80 -29.67
N SER D 165 5.57 6.59 -29.61
CA SER D 165 4.57 6.50 -28.55
C SER D 165 5.24 6.46 -27.18
N GLY D 166 4.46 6.12 -26.16
CA GLY D 166 4.97 6.03 -24.82
C GLY D 166 3.89 6.45 -23.83
N PHE D 167 4.32 6.65 -22.59
CA PHE D 167 3.43 7.12 -21.53
C PHE D 167 4.27 7.68 -20.39
N ALA D 168 3.61 8.04 -19.31
CA ALA D 168 4.27 8.54 -18.12
C ALA D 168 3.50 8.07 -16.90
N LEU D 169 4.17 8.13 -15.75
CA LEU D 169 3.56 7.76 -14.47
C LEU D 169 4.12 8.69 -13.41
N LEU D 170 3.29 9.60 -12.92
CA LEU D 170 3.73 10.64 -11.99
C LEU D 170 3.33 10.20 -10.58
N PHE D 171 4.23 9.49 -9.91
CA PHE D 171 4.02 9.18 -8.51
C PHE D 171 4.29 10.42 -7.68
N PRO D 172 3.34 10.88 -6.88
CA PRO D 172 3.59 12.00 -5.97
C PRO D 172 4.34 11.52 -4.73
N GLN D 173 4.56 12.44 -3.79
CA GLN D 173 5.14 12.08 -2.50
C GLN D 173 4.01 11.55 -1.62
N ILE D 174 3.74 10.25 -1.77
CA ILE D 174 2.71 9.60 -0.98
C ILE D 174 3.21 9.38 0.44
N GLU D 175 2.29 9.41 1.39
CA GLU D 175 2.63 9.18 2.78
C GLU D 175 2.82 7.68 3.00
N GLY D 176 3.98 7.30 3.53
CA GLY D 176 4.30 5.90 3.73
C GLY D 176 5.08 5.30 2.58
N ILE D 177 4.50 5.33 1.37
CA ILE D 177 5.15 4.77 0.20
C ILE D 177 6.39 5.60 -0.14
N LYS D 178 7.51 4.92 -0.38
CA LYS D 178 8.82 5.55 -0.49
C LYS D 178 9.58 5.02 -1.70
N ILE D 179 8.95 5.06 -2.88
CA ILE D 179 9.58 4.58 -4.10
C ILE D 179 10.92 5.28 -4.32
N GLN D 180 11.96 4.49 -4.64
CA GLN D 180 13.27 5.02 -4.98
C GLN D 180 13.77 4.30 -6.23
N PRO D 181 14.00 5.01 -7.34
CA PRO D 181 14.47 4.36 -8.58
C PRO D 181 15.95 4.02 -8.58
N PHE D 182 16.28 2.86 -8.03
CA PHE D 182 17.66 2.42 -7.97
C PHE D 182 18.23 2.13 -9.36
N HIS D 183 19.53 2.32 -9.50
CA HIS D 183 20.24 2.03 -10.74
C HIS D 183 21.58 1.40 -10.42
N PHE D 184 21.91 0.32 -11.13
CA PHE D 184 23.17 -0.40 -10.95
C PHE D 184 23.76 -0.65 -12.34
N ILE D 185 24.89 0.00 -12.63
CA ILE D 185 25.50 -0.06 -13.94
C ILE D 185 26.52 -1.20 -13.97
N LYS D 186 26.74 -1.75 -15.15
CA LYS D 186 27.71 -2.83 -15.34
C LYS D 186 29.12 -2.27 -15.28
N ASP D 187 29.84 -2.55 -14.19
CA ASP D 187 31.20 -2.08 -14.06
C ASP D 187 32.11 -2.83 -15.03
N PRO D 188 33.12 -2.14 -15.59
CA PRO D 188 34.04 -2.81 -16.52
C PRO D 188 34.88 -3.89 -15.85
N LYS D 189 35.51 -3.54 -14.73
CA LYS D 189 36.37 -4.47 -13.99
C LYS D 189 35.64 -5.13 -12.83
N ASN D 190 34.95 -4.34 -12.00
CA ASN D 190 34.20 -4.90 -10.89
C ASN D 190 33.02 -5.71 -11.39
N LEU D 191 32.71 -6.79 -10.67
CA LEU D 191 31.61 -7.66 -11.05
C LEU D 191 30.65 -7.87 -9.89
N THR D 192 31.17 -7.83 -8.66
CA THR D 192 30.34 -8.02 -7.49
C THR D 192 29.62 -6.72 -7.11
N LEU D 193 28.56 -6.87 -6.33
CA LEU D 193 27.76 -5.74 -5.86
C LEU D 193 27.91 -5.65 -4.35
N GLU D 194 28.53 -4.57 -3.87
CA GLU D 194 28.70 -4.39 -2.44
C GLU D 194 27.35 -4.20 -1.76
N ARG D 195 27.26 -4.68 -0.51
CA ARG D 195 25.99 -4.61 0.20
C ARG D 195 25.58 -3.18 0.51
N HIS D 196 26.55 -2.28 0.71
CA HIS D 196 26.20 -0.89 0.97
C HIS D 196 25.47 -0.27 -0.22
N GLN D 197 25.85 -0.67 -1.45
CA GLN D 197 25.18 -0.16 -2.64
C GLN D 197 23.70 -0.51 -2.64
N LEU D 198 23.36 -1.74 -2.26
CA LEU D 198 21.96 -2.16 -2.26
C LEU D 198 21.21 -1.60 -1.06
N THR D 199 21.87 -1.50 0.11
CA THR D 199 21.19 -0.99 1.28
C THR D 199 20.91 0.50 1.17
N GLU D 200 21.78 1.25 0.50
CA GLU D 200 21.55 2.69 0.33
C GLU D 200 20.30 2.96 -0.51
N VAL D 201 20.07 2.15 -1.55
CA VAL D 201 18.98 2.36 -2.47
C VAL D 201 17.70 1.70 -1.95
N GLY D 202 17.78 1.13 -0.75
CA GLY D 202 16.60 0.60 -0.09
C GLY D 202 16.19 -0.81 -0.45
N LEU D 203 17.06 -1.57 -1.13
CA LEU D 203 16.71 -2.95 -1.46
C LEU D 203 16.85 -3.86 -0.24
N LEU D 204 18.07 -4.00 0.27
CA LEU D 204 18.31 -4.78 1.48
C LEU D 204 18.34 -3.86 2.69
N ASP D 205 18.33 -4.48 3.88
CA ASP D 205 18.21 -3.77 5.15
C ASP D 205 16.95 -2.93 5.21
N ASN D 206 15.91 -3.36 4.48
CA ASN D 206 14.64 -2.66 4.43
C ASN D 206 13.52 -3.65 4.69
N PRO D 207 12.93 -3.63 5.88
CA PRO D 207 11.84 -4.58 6.20
C PRO D 207 10.48 -4.18 5.64
N GLU D 208 10.39 -3.07 4.92
CA GLU D 208 9.12 -2.58 4.40
C GLU D 208 8.96 -2.73 2.90
N LEU D 209 10.05 -2.97 2.16
CA LEU D 209 9.96 -3.04 0.71
C LEU D 209 9.02 -4.15 0.29
N ARG D 210 8.12 -3.83 -0.64
CA ARG D 210 7.10 -4.76 -1.11
C ARG D 210 7.25 -5.13 -2.57
N VAL D 211 7.42 -4.15 -3.46
CA VAL D 211 7.54 -4.38 -4.89
C VAL D 211 8.86 -3.80 -5.36
N VAL D 212 9.63 -4.60 -6.09
CA VAL D 212 10.78 -4.13 -6.84
C VAL D 212 10.45 -4.28 -8.32
N LEU D 213 10.40 -3.17 -9.03
CA LEU D 213 10.31 -3.18 -10.48
C LEU D 213 11.73 -3.11 -11.02
N VAL D 214 12.15 -4.15 -11.73
CA VAL D 214 13.52 -4.26 -12.22
C VAL D 214 13.47 -4.44 -13.73
N PHE D 215 14.13 -3.55 -14.46
CA PHE D 215 14.26 -3.62 -15.90
C PHE D 215 15.73 -3.71 -16.26
N GLY D 216 16.03 -4.44 -17.33
CA GLY D 216 17.40 -4.60 -17.77
C GLY D 216 17.59 -4.15 -19.20
N TYR D 217 18.59 -3.31 -19.44
CA TYR D 217 18.84 -2.77 -20.77
C TYR D 217 20.18 -3.27 -21.29
N ASN D 218 20.21 -3.58 -22.58
CA ASN D 218 21.40 -4.12 -23.25
C ASN D 218 21.88 -5.40 -22.59
N CYS D 219 20.95 -6.23 -22.12
CA CYS D 219 21.28 -7.50 -21.49
C CYS D 219 21.12 -8.66 -22.45
N TYR D 227 24.43 -9.75 -15.92
CA TYR D 227 24.54 -8.82 -14.79
C TYR D 227 23.14 -8.61 -14.19
N LEU D 228 22.12 -8.69 -15.04
CA LEU D 228 20.75 -8.60 -14.55
C LEU D 228 20.44 -9.75 -13.59
N GLN D 229 20.85 -10.96 -13.95
CA GLN D 229 20.53 -12.13 -13.12
C GLN D 229 21.19 -12.03 -11.75
N GLN D 230 22.45 -11.60 -11.69
CA GLN D 230 23.14 -11.50 -10.40
C GLN D 230 22.48 -10.46 -9.51
N VAL D 231 22.15 -9.29 -10.06
CA VAL D 231 21.52 -8.25 -9.27
C VAL D 231 20.16 -8.70 -8.77
N VAL D 232 19.37 -9.33 -9.63
CA VAL D 232 18.05 -9.79 -9.21
C VAL D 232 18.17 -10.85 -8.12
N SER D 233 19.05 -11.83 -8.32
CA SER D 233 19.23 -12.90 -7.35
C SER D 233 19.84 -12.41 -6.05
N THR D 234 20.46 -11.23 -6.05
CA THR D 234 20.96 -10.66 -4.80
C THR D 234 19.81 -10.42 -3.81
N PHE D 235 18.68 -9.93 -4.30
CA PHE D 235 17.52 -9.66 -3.45
C PHE D 235 16.28 -10.47 -3.84
N SER D 236 16.42 -11.48 -4.70
CA SER D 236 15.28 -12.30 -5.08
C SER D 236 14.79 -13.18 -3.94
N ASP D 237 15.60 -13.39 -2.91
CA ASP D 237 15.24 -14.25 -1.80
C ASP D 237 14.48 -13.52 -0.69
N MET D 238 13.86 -12.40 -1.01
CA MET D 238 13.13 -11.61 -0.04
C MET D 238 11.62 -11.83 -0.19
N ASN D 239 10.87 -11.31 0.78
CA ASN D 239 9.42 -11.40 0.77
C ASN D 239 8.81 -10.21 0.03
N ILE D 240 9.21 -10.08 -1.24
CA ILE D 240 8.81 -8.97 -2.09
C ILE D 240 8.29 -9.52 -3.40
N ILE D 241 7.52 -8.68 -4.10
CA ILE D 241 7.07 -9.00 -5.45
C ILE D 241 8.09 -8.47 -6.44
N LEU D 242 8.67 -9.37 -7.22
CA LEU D 242 9.66 -9.01 -8.23
C LEU D 242 9.03 -9.16 -9.60
N ALA D 243 8.80 -8.04 -10.27
CA ALA D 243 8.26 -8.02 -11.61
C ALA D 243 9.06 -7.05 -12.46
N GLY D 244 9.32 -7.46 -13.70
CA GLY D 244 10.07 -6.60 -14.60
C GLY D 244 10.31 -7.21 -15.97
N GLY D 245 11.50 -7.00 -16.51
CA GLY D 245 11.81 -7.54 -17.83
C GLY D 245 13.07 -6.92 -18.38
N GLN D 246 13.32 -7.24 -19.65
CA GLN D 246 14.51 -6.78 -20.37
C GLN D 246 14.10 -5.70 -21.36
N VAL D 247 14.78 -4.55 -21.28
CA VAL D 247 14.40 -3.39 -22.08
C VAL D 247 15.57 -3.00 -22.99
N ASP D 248 15.36 -1.94 -23.79
CA ASP D 248 16.38 -1.52 -24.74
C ASP D 248 17.45 -0.65 -24.08
N ASN D 249 17.05 0.49 -23.53
CA ASN D 249 18.00 1.42 -22.93
C ASN D 249 17.29 2.30 -21.92
N LEU D 250 18.08 2.94 -21.07
CA LEU D 250 17.58 3.86 -20.05
C LEU D 250 17.69 5.28 -20.57
N SER D 251 16.62 6.05 -20.41
CA SER D 251 16.59 7.44 -20.90
C SER D 251 17.04 8.42 -19.82
N SER D 252 16.34 8.44 -18.69
CA SER D 252 16.56 9.46 -17.67
C SER D 252 16.71 8.81 -16.31
N LEU D 253 17.74 9.21 -15.56
CA LEU D 253 17.88 8.82 -14.16
C LEU D 253 18.73 9.90 -13.48
N THR D 254 18.06 10.79 -12.75
CA THR D 254 18.75 11.88 -12.08
C THR D 254 19.52 11.38 -10.86
N ASP D 263 23.22 4.07 -22.85
CA ASP D 263 24.10 2.97 -23.26
C ASP D 263 24.51 2.13 -22.07
N ALA D 264 25.63 1.40 -22.23
CA ALA D 264 26.17 0.51 -21.21
C ALA D 264 25.13 -0.57 -20.91
N SER D 265 25.13 -1.11 -19.69
CA SER D 265 24.18 -2.14 -19.30
C SER D 265 24.04 -2.13 -17.79
N GLY D 266 22.97 -2.74 -17.31
CA GLY D 266 22.76 -2.83 -15.88
C GLY D 266 21.30 -3.07 -15.54
N VAL D 267 20.91 -2.64 -14.35
CA VAL D 267 19.59 -2.85 -13.79
C VAL D 267 19.03 -1.51 -13.34
N VAL D 268 17.87 -1.14 -13.86
CA VAL D 268 17.23 0.13 -13.52
C VAL D 268 15.82 -0.20 -13.00
N GLY D 269 15.45 0.37 -11.87
CA GLY D 269 14.16 0.02 -11.34
C GLY D 269 13.72 0.92 -10.21
N LEU D 270 12.64 0.49 -9.56
CA LEU D 270 12.03 1.22 -8.47
C LEU D 270 11.74 0.27 -7.32
N SER D 271 11.87 0.80 -6.10
CA SER D 271 11.66 0.04 -4.87
C SER D 271 10.45 0.61 -4.14
N PHE D 272 9.29 -0.04 -4.33
CA PHE D 272 8.04 0.43 -3.73
C PHE D 272 8.01 0.10 -2.24
N SER D 273 8.87 0.79 -1.49
CA SER D 273 8.90 0.60 -0.05
C SER D 273 7.62 1.15 0.57
N GLY D 274 7.36 0.71 1.81
CA GLY D 274 6.16 1.11 2.52
C GLY D 274 5.35 -0.07 3.01
N HIS D 275 4.54 0.15 4.04
CA HIS D 275 3.82 -0.93 4.71
C HIS D 275 2.37 -1.06 4.27
N ARG D 276 1.95 -0.31 3.25
CA ARG D 276 0.57 -0.38 2.77
C ARG D 276 0.45 -0.93 1.36
N ILE D 277 1.54 -1.41 0.77
CA ILE D 277 1.50 -1.95 -0.59
C ILE D 277 1.05 -3.41 -0.54
N GLN D 278 0.05 -3.73 -1.35
CA GLN D 278 -0.48 -5.09 -1.45
C GLN D 278 -0.53 -5.44 -2.93
N SER D 279 0.33 -6.36 -3.36
CA SER D 279 0.51 -6.65 -4.77
C SER D 279 0.19 -8.11 -5.06
N ALA D 280 0.31 -8.47 -6.34
CA ALA D 280 0.09 -9.83 -6.81
C ALA D 280 0.70 -9.95 -8.20
N THR D 281 0.89 -11.19 -8.64
CA THR D 281 1.53 -11.46 -9.92
C THR D 281 1.07 -12.82 -10.43
N VAL D 282 0.87 -12.92 -11.74
CA VAL D 282 0.59 -14.18 -12.40
C VAL D 282 1.51 -14.31 -13.60
N LEU D 283 1.67 -15.55 -14.07
CA LEU D 283 2.57 -15.87 -15.18
C LEU D 283 1.77 -16.61 -16.24
N LEU D 284 1.26 -15.86 -17.22
CA LEU D 284 0.54 -16.43 -18.35
C LEU D 284 1.57 -17.06 -19.28
N ASN D 285 1.96 -18.29 -18.93
CA ASN D 285 3.01 -18.99 -19.65
C ASN D 285 2.47 -19.58 -20.94
N GLU D 286 3.22 -20.50 -21.55
CA GLU D 286 2.85 -21.05 -22.84
C GLU D 286 1.49 -21.73 -22.82
N ASP D 287 0.99 -22.13 -21.65
CA ASP D 287 -0.35 -22.70 -21.57
C ASP D 287 -1.42 -21.67 -21.94
N VAL D 288 -1.15 -20.39 -21.76
CA VAL D 288 -2.05 -19.33 -22.19
C VAL D 288 -1.67 -18.94 -23.60
N SER D 289 -2.56 -19.23 -24.56
CA SER D 289 -2.30 -18.89 -25.95
C SER D 289 -3.55 -18.40 -26.68
N ASP D 290 -4.68 -18.25 -25.99
CA ASP D 290 -5.91 -17.82 -26.62
C ASP D 290 -6.71 -16.99 -25.61
N GLU D 291 -7.87 -16.51 -26.06
CA GLU D 291 -8.68 -15.62 -25.21
C GLU D 291 -9.18 -16.32 -23.97
N LYS D 292 -9.64 -17.57 -24.10
CA LYS D 292 -10.20 -18.27 -22.95
C LYS D 292 -9.16 -18.52 -21.87
N THR D 293 -7.96 -18.94 -22.27
CA THR D 293 -6.89 -19.18 -21.30
C THR D 293 -6.45 -17.89 -20.63
N ALA D 294 -6.35 -16.80 -21.40
CA ALA D 294 -5.98 -15.51 -20.83
C ALA D 294 -7.03 -15.04 -19.82
N GLU D 295 -8.32 -15.22 -20.15
CA GLU D 295 -9.36 -14.84 -19.22
C GLU D 295 -9.35 -15.71 -17.97
N ALA D 296 -9.04 -17.01 -18.13
CA ALA D 296 -8.93 -17.88 -16.97
C ALA D 296 -7.80 -17.44 -16.05
N ALA D 297 -6.64 -17.10 -16.62
CA ALA D 297 -5.54 -16.62 -15.80
C ALA D 297 -5.85 -15.26 -15.17
N MET D 298 -6.63 -14.43 -15.87
CA MET D 298 -7.06 -13.16 -15.30
C MET D 298 -8.01 -13.38 -14.13
N GLN D 299 -8.88 -14.38 -14.23
CA GLN D 299 -9.72 -14.77 -13.09
C GLN D 299 -8.86 -15.25 -11.94
N ARG D 300 -7.82 -16.03 -12.23
CA ARG D 300 -6.88 -16.47 -11.21
C ARG D 300 -6.26 -15.27 -10.50
N LEU D 301 -5.82 -14.27 -11.27
CA LEU D 301 -5.23 -13.08 -10.66
C LEU D 301 -6.25 -12.30 -9.84
N LYS D 302 -7.47 -12.14 -10.37
CA LYS D 302 -8.52 -11.44 -9.65
C LYS D 302 -8.85 -12.14 -8.33
N ALA D 303 -8.65 -13.45 -8.27
CA ALA D 303 -8.85 -14.19 -7.03
C ALA D 303 -7.95 -13.70 -5.91
N ALA D 304 -6.82 -13.06 -6.23
CA ALA D 304 -5.92 -12.56 -5.20
C ALA D 304 -6.54 -11.42 -4.39
N ASN D 305 -7.61 -10.81 -4.89
CA ASN D 305 -8.35 -9.76 -4.17
C ASN D 305 -7.46 -8.58 -3.83
N ILE D 306 -6.80 -8.03 -4.86
CA ILE D 306 -6.02 -6.81 -4.72
C ILE D 306 -6.94 -5.61 -4.92
N PRO D 307 -6.97 -4.66 -3.98
CA PRO D 307 -7.86 -3.51 -4.15
C PRO D 307 -7.53 -2.72 -5.40
N GLU D 308 -8.57 -2.18 -6.03
CA GLU D 308 -8.44 -1.44 -7.28
C GLU D 308 -8.31 0.07 -7.07
N HIS D 309 -8.29 0.53 -5.83
CA HIS D 309 -8.13 1.95 -5.52
C HIS D 309 -6.64 2.25 -5.37
N ASN D 310 -6.16 3.21 -6.16
CA ASN D 310 -4.73 3.56 -6.20
C ASN D 310 -3.88 2.35 -6.58
N THR D 311 -4.16 1.82 -7.77
CA THR D 311 -3.54 0.57 -8.21
C THR D 311 -3.20 0.67 -9.70
N ILE D 312 -2.00 0.22 -10.06
CA ILE D 312 -1.55 0.13 -11.43
C ILE D 312 -1.34 -1.33 -11.79
N GLY D 313 -1.85 -1.73 -12.95
CA GLY D 313 -1.62 -3.06 -13.45
C GLY D 313 -0.49 -3.09 -14.45
N PHE D 314 0.69 -3.52 -14.00
CA PHE D 314 1.89 -3.54 -14.84
C PHE D 314 1.92 -4.86 -15.60
N MET D 315 1.67 -4.81 -16.90
CA MET D 315 1.78 -5.99 -17.75
C MET D 315 3.19 -6.07 -18.29
N PHE D 316 3.93 -7.08 -17.89
CA PHE D 316 5.31 -7.29 -18.32
C PHE D 316 5.31 -8.45 -19.31
N ALA D 317 5.06 -8.11 -20.57
CA ALA D 317 4.86 -9.10 -21.62
C ALA D 317 6.19 -9.46 -22.26
N CYS D 318 6.14 -10.18 -23.37
CA CYS D 318 7.31 -10.50 -24.17
C CYS D 318 7.19 -9.83 -25.53
N VAL D 319 8.34 -9.40 -26.07
CA VAL D 319 8.33 -8.77 -27.39
C VAL D 319 7.91 -9.77 -28.46
N GLY D 320 8.31 -11.03 -28.29
CA GLY D 320 8.02 -12.06 -29.27
C GLY D 320 6.61 -12.59 -29.28
N ARG D 321 5.78 -12.23 -28.30
CA ARG D 321 4.39 -12.63 -28.31
C ARG D 321 3.51 -11.47 -28.75
N GLY D 322 2.20 -11.67 -28.68
CA GLY D 322 1.25 -10.62 -29.02
C GLY D 322 0.41 -10.96 -30.23
N PHE D 323 0.32 -10.02 -31.18
CA PHE D 323 -0.45 -10.25 -32.38
C PHE D 323 0.14 -11.40 -33.20
N GLN D 324 1.47 -11.47 -33.27
CA GLN D 324 2.13 -12.56 -33.98
C GLN D 324 2.02 -13.89 -33.23
N TYR D 325 1.65 -13.86 -31.95
CA TYR D 325 1.56 -15.07 -31.14
C TYR D 325 0.13 -15.63 -31.14
N TYR D 326 -0.82 -14.82 -30.70
CA TYR D 326 -2.21 -15.26 -30.64
C TYR D 326 -2.76 -15.43 -32.06
N ARG D 327 -3.50 -16.51 -32.27
CA ARG D 327 -3.94 -16.90 -33.60
C ARG D 327 -5.13 -16.06 -34.04
N ALA D 328 -4.92 -15.22 -35.06
CA ALA D 328 -5.99 -14.41 -35.66
C ALA D 328 -6.69 -13.54 -34.62
N LYS D 329 -5.92 -12.98 -33.70
CA LYS D 329 -6.48 -12.10 -32.68
C LYS D 329 -5.40 -11.15 -32.19
N GLY D 330 -5.84 -10.05 -31.60
CA GLY D 330 -4.94 -9.06 -31.03
C GLY D 330 -5.57 -8.41 -29.83
N ASN D 331 -4.71 -7.91 -28.93
CA ASN D 331 -5.14 -7.29 -27.68
C ASN D 331 -5.99 -8.27 -26.87
N VAL D 332 -5.37 -9.37 -26.49
CA VAL D 332 -6.05 -10.42 -25.73
C VAL D 332 -5.82 -10.25 -24.22
N GLU D 333 -4.58 -10.00 -23.82
CA GLU D 333 -4.28 -9.80 -22.42
C GLU D 333 -4.80 -8.46 -21.90
N ALA D 334 -4.69 -7.40 -22.70
CA ALA D 334 -5.24 -6.11 -22.29
C ALA D 334 -6.76 -6.16 -22.18
N ASP D 335 -7.42 -6.81 -23.15
CA ASP D 335 -8.88 -6.94 -23.09
C ASP D 335 -9.31 -7.73 -21.88
N ALA D 336 -8.63 -8.83 -21.57
CA ALA D 336 -8.97 -9.63 -20.40
C ALA D 336 -8.72 -8.85 -19.12
N PHE D 337 -7.61 -8.10 -19.06
CA PHE D 337 -7.33 -7.28 -17.89
C PHE D 337 -8.42 -6.24 -17.67
N ARG D 338 -8.86 -5.58 -18.75
CA ARG D 338 -9.94 -4.60 -18.61
C ARG D 338 -11.27 -5.27 -18.26
N LYS D 339 -11.50 -6.47 -18.76
CA LYS D 339 -12.73 -7.18 -18.44
C LYS D 339 -12.79 -7.50 -16.95
N PHE D 340 -11.73 -8.10 -16.41
CA PHE D 340 -11.72 -8.47 -15.01
C PHE D 340 -11.32 -7.32 -14.10
N PHE D 341 -10.81 -6.22 -14.66
CA PHE D 341 -10.54 -5.00 -13.91
C PHE D 341 -11.08 -3.81 -14.68
N PRO D 342 -12.27 -3.30 -14.34
CA PRO D 342 -12.82 -2.12 -15.04
C PRO D 342 -12.13 -0.83 -14.62
N SER D 343 -10.97 -0.98 -13.98
CA SER D 343 -10.14 0.10 -13.48
C SER D 343 -8.70 -0.38 -13.59
N VAL D 344 -7.80 0.20 -12.80
CA VAL D 344 -6.43 -0.30 -12.71
C VAL D 344 -5.74 -0.18 -14.08
N PRO D 345 -5.29 1.02 -14.44
CA PRO D 345 -4.69 1.23 -15.77
C PRO D 345 -3.54 0.25 -16.03
N LEU D 346 -3.46 -0.21 -17.28
CA LEU D 346 -2.54 -1.26 -17.68
C LEU D 346 -1.31 -0.63 -18.34
N PHE D 347 -0.15 -0.84 -17.72
CA PHE D 347 1.12 -0.32 -18.21
C PHE D 347 2.12 -1.47 -18.33
N GLY D 348 3.36 -1.12 -18.66
CA GLY D 348 4.41 -2.11 -18.87
C GLY D 348 5.04 -1.93 -20.24
N PHE D 349 5.43 -3.06 -20.83
CA PHE D 349 6.09 -3.03 -22.14
C PHE D 349 5.94 -4.39 -22.81
N PHE D 350 6.70 -4.57 -23.89
CA PHE D 350 6.89 -5.86 -24.57
C PHE D 350 8.38 -6.17 -24.48
N GLY D 351 8.80 -6.79 -23.38
CA GLY D 351 10.21 -6.98 -23.12
C GLY D 351 10.81 -8.17 -23.84
N ASN D 352 12.14 -8.18 -23.89
CA ASN D 352 12.85 -9.33 -24.46
C ASN D 352 12.78 -10.53 -23.54
N GLY D 353 13.01 -10.32 -22.24
CA GLY D 353 12.84 -11.38 -21.26
C GLY D 353 12.00 -10.86 -20.11
N GLU D 354 11.51 -11.80 -19.30
CA GLU D 354 10.59 -11.49 -18.22
C GLU D 354 11.17 -11.94 -16.89
N ILE D 355 10.87 -11.16 -15.85
CA ILE D 355 11.31 -11.45 -14.48
C ILE D 355 10.08 -11.40 -13.59
N GLY D 356 9.73 -12.54 -13.01
CA GLY D 356 8.59 -12.60 -12.11
C GLY D 356 8.05 -14.01 -11.97
N CYS D 357 7.32 -14.22 -10.88
CA CYS D 357 6.71 -15.51 -10.59
C CYS D 357 5.33 -15.28 -10.00
N ASP D 358 4.55 -16.35 -9.91
CA ASP D 358 3.22 -16.27 -9.34
C ASP D 358 3.30 -16.06 -7.83
N ARG D 359 3.25 -14.80 -7.40
CA ARG D 359 3.39 -14.44 -6.00
C ARG D 359 2.24 -13.51 -5.61
N ILE D 360 1.94 -13.50 -4.32
CA ILE D 360 0.96 -12.57 -3.76
C ILE D 360 1.56 -12.03 -2.46
N VAL D 361 1.86 -10.72 -2.45
CA VAL D 361 2.41 -10.06 -1.27
C VAL D 361 1.42 -8.99 -0.83
N THR D 362 0.99 -9.06 0.42
CA THR D 362 0.19 -8.00 1.02
C THR D 362 0.73 -7.66 2.39
N GLY D 363 0.00 -6.87 3.17
CA GLY D 363 0.41 -6.57 4.52
C GLY D 363 0.09 -7.65 5.53
N ASN D 364 -0.60 -8.71 5.10
CA ASN D 364 -1.00 -9.79 5.99
C ASN D 364 -0.39 -11.14 5.64
N PHE D 365 -0.13 -11.42 4.36
CA PHE D 365 0.35 -12.74 3.99
C PHE D 365 1.19 -12.66 2.71
N ILE D 366 2.02 -13.68 2.53
CA ILE D 366 2.83 -13.85 1.33
C ILE D 366 2.58 -15.25 0.80
N LEU D 367 2.24 -15.36 -0.49
CA LEU D 367 2.01 -16.64 -1.13
C LEU D 367 3.07 -16.81 -2.21
N ARG D 368 4.20 -17.43 -1.85
CA ARG D 368 5.32 -17.64 -2.75
C ARG D 368 5.50 -19.13 -3.02
N LYS D 369 5.82 -19.46 -4.26
CA LYS D 369 6.11 -20.84 -4.63
C LYS D 369 7.43 -21.28 -4.01
N CYS D 370 7.45 -22.51 -3.50
CA CYS D 370 8.68 -23.10 -2.95
C CYS D 370 9.48 -23.70 -4.09
N ASN D 371 10.76 -23.32 -4.18
CA ASN D 371 11.63 -23.72 -5.28
C ASN D 371 12.94 -24.27 -4.75
N GLU D 372 13.51 -25.21 -5.50
CA GLU D 372 14.81 -25.76 -5.13
C GLU D 372 15.92 -24.75 -5.38
N VAL D 373 15.81 -23.96 -6.44
CA VAL D 373 16.77 -22.92 -6.77
C VAL D 373 16.11 -21.57 -6.54
N LYS D 374 16.81 -20.68 -5.83
CA LYS D 374 16.20 -19.42 -5.40
C LYS D 374 15.80 -18.54 -6.58
N ASP D 375 16.65 -18.44 -7.60
CA ASP D 375 16.41 -17.52 -8.70
C ASP D 375 15.87 -18.19 -9.96
N ASP D 376 15.81 -19.53 -9.99
CA ASP D 376 15.22 -20.20 -11.14
C ASP D 376 13.73 -19.96 -11.25
N ASP D 377 13.06 -19.64 -10.14
CA ASP D 377 11.62 -19.43 -10.16
C ASP D 377 11.26 -18.17 -10.92
N LEU D 378 12.09 -17.13 -10.85
CA LEU D 378 11.69 -15.81 -11.31
C LEU D 378 11.87 -15.63 -12.82
N PHE D 379 13.10 -15.82 -13.31
CA PHE D 379 13.40 -15.48 -14.69
C PHE D 379 12.62 -16.36 -15.65
N HIS D 380 12.03 -15.73 -16.67
CA HIS D 380 11.17 -16.41 -17.63
C HIS D 380 11.45 -15.88 -19.02
N SER D 381 10.77 -16.45 -20.01
CA SER D 381 10.88 -16.01 -21.39
C SER D 381 9.67 -16.52 -22.16
N TYR D 382 9.15 -15.69 -23.05
CA TYR D 382 7.92 -15.99 -23.81
C TYR D 382 6.72 -16.20 -22.89
N THR D 383 6.64 -15.42 -21.82
CA THR D 383 5.55 -15.49 -20.86
C THR D 383 4.91 -14.10 -20.70
N THR D 384 4.04 -13.97 -19.70
CA THR D 384 3.39 -12.72 -19.38
C THR D 384 3.39 -12.53 -17.87
N ILE D 385 3.58 -11.29 -17.43
CA ILE D 385 3.66 -10.98 -16.01
C ILE D 385 2.75 -9.80 -15.69
N MET D 386 1.58 -10.09 -15.10
CA MET D 386 0.60 -9.06 -14.79
C MET D 386 0.69 -8.70 -13.31
N ALA D 387 1.69 -7.90 -12.97
CA ALA D 387 1.81 -7.39 -11.61
C ALA D 387 0.70 -6.39 -11.32
N LEU D 388 0.31 -6.30 -10.05
CA LEU D 388 -0.78 -5.43 -9.62
C LEU D 388 -0.29 -4.63 -8.41
N ILE D 389 0.30 -3.46 -8.65
CA ILE D 389 0.85 -2.65 -7.57
C ILE D 389 -0.26 -1.80 -6.98
N HIS D 390 -0.40 -1.84 -5.66
CA HIS D 390 -1.39 -1.07 -4.93
C HIS D 390 -0.68 -0.25 -3.87
N LEU D 391 -0.97 1.04 -3.79
CA LEU D 391 -0.19 1.98 -2.99
C LEU D 391 -0.95 2.48 -1.76
N GLY D 392 -1.73 1.61 -1.14
CA GLY D 392 -2.40 1.98 0.09
C GLY D 392 -3.54 2.97 -0.13
N SER D 393 -4.05 3.47 0.99
CA SER D 393 -5.12 4.45 0.97
C SER D 393 -5.14 5.25 2.27
#